data_8VIS
#
_entry.id   8VIS
#
_cell.length_a   119.676
_cell.length_b   119.676
_cell.length_c   134.289
_cell.angle_alpha   90.00
_cell.angle_beta   90.00
_cell.angle_gamma   90.00
#
_symmetry.space_group_name_H-M   'P 43 21 2'
#
loop_
_entity.id
_entity.type
_entity.pdbx_description
1 polymer 'Transmembrane protease serine 11D non-catalytic chain'
2 polymer 'Transmembrane protease serine 11D catalytic chain'
3 non-polymer 'MAGNESIUM ION'
4 non-polymer GLYCEROL
5 non-polymer 1,2-ETHANEDIOL
6 non-polymer 'UNKNOWN ATOM OR ION'
7 water water
#
loop_
_entity_poly.entity_id
_entity_poly.type
_entity_poly.pdbx_seq_one_letter_code
_entity_poly.pdbx_strand_id
1 'polypeptide(L)'
;AADQKSYFYRSSFQLLNVEYNSQLNSPATQEYRTLSGRIESLITKTFKESNLRNQFIRAHVAKLRQDGSGVRADVVMKFQ
FTRNNNGASMKSRIESVLRQMLNNSGNLEINPSTEITSLTDQAAANWLINECGAGPDLITDDDDK
;
A,C,E,G
2 'polypeptide(L)'
;ILGGTEAEEGSWPWQVSLRLNNAHHCGGSLINNMWILTAAHCFRSNSNPRDWIATSGISTTFPKLRMRVRNILIHNNYKS
ATHENDIALVRLENSVTFTKDIHSVCLPAATQNIPPGSTAYVTGWGAQEYAGHTVPELRQGQVRIISNDVCNAPHSYNGA
ILSGMLCAGVPQGGVDACQGDSGGPLVQEDSRRLWFIVGIVSWGDQCGLPDKPGVYTRVTAYLDWIRQQTGIEFVEHHHH
HHHH
;
B,D,F,H
#
# COMPACT_ATOMS: atom_id res chain seq x y z
N GLU A 131 -32.44 -17.96 0.43
CA GLU A 131 -31.99 -19.20 1.11
C GLU A 131 -30.82 -18.92 2.06
N CYS A 132 -29.90 -18.02 1.68
CA CYS A 132 -28.83 -17.63 2.60
C CYS A 132 -28.82 -16.11 2.74
N GLY A 133 -28.22 -15.60 3.80
CA GLY A 133 -27.72 -14.22 3.79
C GLY A 133 -28.62 -13.19 4.45
N ALA A 134 -29.83 -13.56 4.92
CA ALA A 134 -30.65 -12.59 5.63
C ALA A 134 -29.97 -12.28 6.96
N GLY A 135 -29.81 -11.02 7.24
CA GLY A 135 -29.01 -10.60 8.36
C GLY A 135 -29.64 -9.42 9.08
N PRO A 136 -28.86 -8.78 9.95
CA PRO A 136 -29.39 -7.77 10.88
C PRO A 136 -29.62 -6.42 10.22
N ASP A 137 -30.32 -5.55 10.96
CA ASP A 137 -30.55 -4.18 10.57
C ASP A 137 -29.31 -3.37 10.90
N LEU A 138 -28.22 -3.72 10.21
CA LEU A 138 -26.91 -3.11 10.33
C LEU A 138 -26.37 -2.99 8.91
N ILE A 139 -25.51 -1.98 8.70
CA ILE A 139 -24.92 -1.73 7.38
C ILE A 139 -23.41 -1.66 7.58
N THR A 140 -22.66 -1.99 6.53
CA THR A 140 -21.22 -1.78 6.55
C THR A 140 -20.91 -0.66 5.58
N ASP A 141 -21.13 0.57 6.05
CA ASP A 141 -20.80 1.71 5.21
C ASP A 141 -19.31 1.97 5.28
N ASP A 142 -18.70 2.34 4.15
CA ASP A 142 -17.27 2.51 4.10
C ASP A 142 -16.86 3.98 4.21
N ASP A 143 -17.85 4.88 4.19
CA ASP A 143 -17.56 6.28 3.94
C ASP A 143 -17.43 7.09 5.22
N ASP A 144 -17.91 6.59 6.36
CA ASP A 144 -17.77 7.37 7.57
C ASP A 144 -16.29 7.62 7.89
N LYS A 145 -16.00 8.81 8.41
CA LYS A 145 -14.66 9.16 8.80
C LYS A 145 -14.36 8.74 10.27
N ILE B 1 -13.39 -11.18 21.09
CA ILE B 1 -13.41 -9.88 20.35
C ILE B 1 -12.96 -8.77 21.30
N LEU B 2 -11.97 -8.01 20.85
CA LEU B 2 -11.52 -6.79 21.50
C LEU B 2 -12.29 -5.62 20.93
N GLY B 3 -12.72 -4.71 21.84
CA GLY B 3 -13.26 -3.43 21.41
C GLY B 3 -14.62 -3.54 20.76
N GLY B 4 -15.33 -4.62 21.11
CA GLY B 4 -16.61 -4.86 20.52
C GLY B 4 -17.70 -4.59 21.53
N THR B 5 -18.88 -4.96 21.09
CA THR B 5 -20.07 -4.86 21.92
CA THR B 5 -20.07 -4.86 21.91
C THR B 5 -20.76 -6.21 21.94
N GLU B 6 -21.59 -6.44 22.95
CA GLU B 6 -22.41 -7.64 22.99
C GLU B 6 -23.39 -7.61 21.81
N ALA B 7 -23.47 -8.73 21.09
CA ALA B 7 -24.41 -8.88 20.00
C ALA B 7 -25.81 -9.16 20.54
N GLU B 8 -26.82 -8.63 19.84
CA GLU B 8 -28.20 -8.97 20.15
C GLU B 8 -28.51 -10.37 19.65
N GLU B 9 -29.34 -11.11 20.40
CA GLU B 9 -29.85 -12.38 19.92
CA GLU B 9 -29.89 -12.38 19.94
C GLU B 9 -30.51 -12.18 18.57
N GLY B 10 -30.20 -13.08 17.62
CA GLY B 10 -30.79 -13.02 16.30
C GLY B 10 -30.00 -12.18 15.30
N SER B 11 -29.03 -11.35 15.74
CA SER B 11 -28.32 -10.48 14.82
C SER B 11 -27.53 -11.29 13.81
N TRP B 12 -26.91 -12.39 14.27
CA TRP B 12 -25.95 -13.14 13.47
C TRP B 12 -26.42 -14.59 13.36
N PRO B 13 -27.44 -14.85 12.52
CA PRO B 13 -28.17 -16.11 12.59
C PRO B 13 -27.36 -17.33 12.23
N TRP B 14 -26.23 -17.10 11.52
CA TRP B 14 -25.36 -18.18 11.08
C TRP B 14 -24.33 -18.57 12.14
N GLN B 15 -24.10 -17.70 13.15
CA GLN B 15 -22.99 -17.89 14.08
C GLN B 15 -23.32 -19.09 14.98
N VAL B 16 -22.37 -20.01 15.05
CA VAL B 16 -22.42 -21.11 16.02
C VAL B 16 -21.18 -21.06 16.89
N SER B 17 -21.34 -21.63 18.08
CA SER B 17 -20.24 -22.00 18.97
C SER B 17 -19.94 -23.48 18.77
N LEU B 18 -18.65 -23.79 18.59
CA LEU B 18 -18.24 -25.18 18.51
C LEU B 18 -17.60 -25.52 19.84
N ARG B 19 -18.25 -26.46 20.54
CA ARG B 19 -17.87 -26.89 21.86
C ARG B 19 -17.14 -28.21 21.80
N LEU B 20 -15.95 -28.23 22.36
CA LEU B 20 -15.12 -29.42 22.50
C LEU B 20 -15.23 -29.88 23.93
N ASN B 21 -15.74 -31.10 24.10
CA ASN B 21 -15.86 -31.68 25.44
C ASN B 21 -16.60 -30.72 26.40
N ASN B 22 -17.67 -30.14 25.89
CA ASN B 22 -18.61 -29.33 26.66
C ASN B 22 -18.03 -27.98 27.09
N ALA B 23 -17.10 -27.43 26.31
CA ALA B 23 -16.68 -26.05 26.53
C ALA B 23 -16.51 -25.37 25.16
N HIS B 24 -16.94 -24.10 25.08
CA HIS B 24 -16.70 -23.32 23.87
C HIS B 24 -15.23 -23.41 23.47
N HIS B 25 -14.96 -23.71 22.21
CA HIS B 25 -13.61 -23.74 21.73
C HIS B 25 -13.37 -22.81 20.54
N CYS B 26 -14.30 -22.79 19.60
N CYS B 26 -14.29 -22.77 19.60
CA CYS B 26 -14.17 -22.10 18.33
CA CYS B 26 -14.13 -21.86 18.48
C CYS B 26 -15.51 -21.53 17.89
C CYS B 26 -15.50 -21.51 17.90
N GLY B 27 -15.48 -20.56 16.98
CA GLY B 27 -16.66 -20.15 16.27
C GLY B 27 -16.81 -20.92 14.95
N GLY B 28 -17.96 -20.78 14.35
CA GLY B 28 -18.20 -21.25 13.01
C GLY B 28 -19.43 -20.56 12.44
N SER B 29 -19.71 -20.80 11.16
CA SER B 29 -20.85 -20.23 10.47
C SER B 29 -21.62 -21.30 9.69
N LEU B 30 -22.93 -21.36 9.87
CA LEU B 30 -23.77 -22.17 9.02
C LEU B 30 -23.72 -21.67 7.58
N ILE B 31 -23.39 -22.54 6.65
CA ILE B 31 -23.40 -22.20 5.23
C ILE B 31 -24.51 -22.96 4.49
N ASN B 32 -25.12 -23.92 5.16
CA ASN B 32 -26.41 -24.48 4.76
C ASN B 32 -26.96 -25.24 5.95
N ASN B 33 -28.05 -26.03 5.76
CA ASN B 33 -28.70 -26.59 6.92
CA ASN B 33 -28.74 -26.63 6.88
C ASN B 33 -27.93 -27.76 7.54
N MET B 34 -26.83 -28.23 6.93
CA MET B 34 -26.07 -29.31 7.53
C MET B 34 -24.58 -29.06 7.61
N TRP B 35 -24.09 -27.89 7.15
CA TRP B 35 -22.66 -27.64 7.12
C TRP B 35 -22.28 -26.30 7.77
N ILE B 36 -21.21 -26.37 8.56
CA ILE B 36 -20.63 -25.23 9.23
C ILE B 36 -19.20 -25.04 8.68
N LEU B 37 -18.85 -23.79 8.39
CA LEU B 37 -17.54 -23.39 7.92
C LEU B 37 -16.77 -22.80 9.09
N THR B 38 -15.53 -23.24 9.30
CA THR B 38 -14.73 -22.85 10.43
C THR B 38 -13.24 -22.98 10.08
N ALA B 39 -12.39 -22.93 11.10
CA ALA B 39 -10.93 -22.94 10.96
C ALA B 39 -10.40 -24.35 11.24
N ALA B 40 -9.38 -24.77 10.47
CA ALA B 40 -8.68 -26.01 10.75
C ALA B 40 -8.01 -26.04 12.12
N HIS B 41 -7.49 -24.90 12.61
CA HIS B 41 -6.79 -24.85 13.87
C HIS B 41 -7.66 -25.34 15.03
N CYS B 42 -8.99 -25.16 14.91
CA CYS B 42 -9.93 -25.59 15.93
C CYS B 42 -9.73 -27.05 16.31
N PHE B 43 -9.26 -27.85 15.34
CA PHE B 43 -9.24 -29.30 15.48
C PHE B 43 -7.83 -29.85 15.68
N ARG B 44 -6.89 -29.00 16.03
CA ARG B 44 -5.50 -29.45 16.10
C ARG B 44 -5.32 -30.52 17.17
N SER B 45 -6.07 -30.45 18.27
CA SER B 45 -5.94 -31.41 19.36
C SER B 45 -7.01 -32.50 19.26
N ASN B 46 -8.19 -32.20 18.71
CA ASN B 46 -9.28 -33.18 18.67
C ASN B 46 -10.08 -32.98 17.41
N SER B 47 -10.11 -34.00 16.53
CA SER B 47 -10.93 -33.97 15.33
C SER B 47 -11.91 -35.11 15.31
N ASN B 48 -12.31 -35.53 16.52
CA ASN B 48 -13.31 -36.57 16.70
C ASN B 48 -14.70 -35.96 16.68
N PRO B 49 -15.53 -36.17 15.65
CA PRO B 49 -16.85 -35.54 15.62
C PRO B 49 -17.73 -35.82 16.84
N ARG B 50 -17.54 -36.98 17.46
CA ARG B 50 -18.33 -37.35 18.63
C ARG B 50 -18.00 -36.50 19.83
N ASP B 51 -16.90 -35.73 19.82
CA ASP B 51 -16.51 -34.92 20.98
C ASP B 51 -16.91 -33.44 20.82
N TRP B 52 -17.56 -33.13 19.72
CA TRP B 52 -17.94 -31.76 19.38
C TRP B 52 -19.44 -31.61 19.32
N ILE B 53 -19.90 -30.42 19.76
CA ILE B 53 -21.30 -30.03 19.65
C ILE B 53 -21.32 -28.60 19.14
N ALA B 54 -22.22 -28.30 18.22
CA ALA B 54 -22.41 -26.93 17.77
C ALA B 54 -23.63 -26.35 18.47
N THR B 55 -23.53 -25.08 18.90
CA THR B 55 -24.70 -24.45 19.48
C THR B 55 -25.02 -23.14 18.78
N SER B 56 -26.32 -22.83 18.85
CA SER B 56 -26.87 -21.57 18.38
CA SER B 56 -26.87 -21.57 18.39
C SER B 56 -27.48 -20.85 19.59
N GLY B 57 -27.46 -19.51 19.53
CA GLY B 57 -27.85 -18.63 20.60
C GLY B 57 -26.64 -17.79 21.00
N ILE B 58 -26.89 -16.59 21.52
CA ILE B 58 -25.75 -15.74 21.85
C ILE B 58 -25.02 -16.19 23.11
N SER B 59 -25.57 -17.11 23.90
CA SER B 59 -24.92 -17.52 25.15
C SER B 59 -24.33 -18.92 25.03
N THR B 60 -23.07 -19.08 25.46
CA THR B 60 -22.49 -20.42 25.56
C THR B 60 -22.83 -21.03 26.93
N THR B 61 -23.36 -20.22 27.84
CA THR B 61 -23.80 -20.72 29.13
C THR B 61 -25.19 -21.35 29.01
N PHE B 62 -26.10 -20.64 28.33
CA PHE B 62 -27.46 -21.12 28.08
C PHE B 62 -27.76 -21.04 26.59
N PRO B 63 -27.19 -21.97 25.80
CA PRO B 63 -27.49 -21.96 24.36
C PRO B 63 -28.94 -22.26 24.03
N LYS B 64 -29.39 -21.84 22.87
CA LYS B 64 -30.78 -22.08 22.46
C LYS B 64 -30.92 -23.45 21.84
N LEU B 65 -29.91 -23.87 21.09
CA LEU B 65 -30.01 -25.12 20.32
C LEU B 65 -28.63 -25.79 20.36
N ARG B 66 -28.64 -27.09 20.63
CA ARG B 66 -27.44 -27.91 20.59
CA ARG B 66 -27.44 -27.91 20.60
C ARG B 66 -27.57 -28.89 19.42
N MET B 67 -26.48 -29.03 18.65
CA MET B 67 -26.51 -29.80 17.42
C MET B 67 -25.33 -30.79 17.41
N ARG B 68 -25.62 -32.08 17.25
CA ARG B 68 -24.59 -33.09 17.16
C ARG B 68 -23.85 -32.98 15.82
N VAL B 69 -22.56 -33.34 15.88
CA VAL B 69 -21.67 -33.26 14.77
C VAL B 69 -21.36 -34.67 14.27
N ARG B 70 -21.42 -34.81 12.94
CA ARG B 70 -21.23 -36.11 12.30
CA ARG B 70 -21.24 -36.11 12.29
C ARG B 70 -19.81 -36.28 11.78
N ASN B 71 -19.27 -35.24 11.13
CA ASN B 71 -17.94 -35.36 10.55
C ASN B 71 -17.24 -34.01 10.59
N ILE B 72 -15.91 -34.06 10.65
CA ILE B 72 -15.04 -32.89 10.65
C ILE B 72 -14.02 -33.07 9.54
N LEU B 73 -13.98 -32.10 8.61
N LEU B 73 -13.95 -32.09 8.62
CA LEU B 73 -13.07 -32.15 7.47
CA LEU B 73 -13.09 -32.16 7.45
C LEU B 73 -12.10 -30.98 7.61
C LEU B 73 -12.12 -30.99 7.46
N ILE B 74 -10.82 -31.27 7.48
CA ILE B 74 -9.78 -30.29 7.55
C ILE B 74 -9.16 -30.14 6.16
N HIS B 75 -8.78 -28.93 5.77
CA HIS B 75 -8.10 -28.75 4.51
C HIS B 75 -6.83 -29.62 4.48
N ASN B 76 -6.64 -30.34 3.36
CA ASN B 76 -5.54 -31.29 3.28
C ASN B 76 -4.18 -30.61 3.28
N ASN B 77 -4.12 -29.31 2.98
CA ASN B 77 -2.88 -28.58 2.94
CA ASN B 77 -2.86 -28.60 2.97
C ASN B 77 -2.81 -27.55 4.08
N TYR B 78 -3.60 -27.75 5.16
CA TYR B 78 -3.43 -26.92 6.34
C TYR B 78 -2.02 -27.09 6.88
N LYS B 79 -1.30 -25.97 7.04
CA LYS B 79 0.03 -25.96 7.61
C LYS B 79 -0.01 -25.06 8.84
N SER B 80 0.03 -25.65 10.02
CA SER B 80 -0.17 -24.86 11.23
C SER B 80 0.92 -23.82 11.47
N ALA B 81 2.17 -24.08 11.09
CA ALA B 81 3.26 -23.16 11.46
C ALA B 81 3.15 -21.83 10.71
N THR B 82 2.64 -21.87 9.48
CA THR B 82 2.48 -20.67 8.67
C THR B 82 1.01 -20.23 8.60
N HIS B 83 0.14 -21.04 9.22
CA HIS B 83 -1.30 -20.81 9.23
C HIS B 83 -1.91 -20.94 7.84
N GLU B 84 -1.25 -21.58 6.87
CA GLU B 84 -1.75 -21.59 5.50
CA GLU B 84 -1.74 -21.60 5.51
C GLU B 84 -2.93 -22.56 5.42
N ASN B 85 -3.97 -22.16 4.68
CA ASN B 85 -5.14 -22.98 4.43
C ASN B 85 -5.84 -23.39 5.74
N ASP B 86 -6.04 -22.39 6.61
CA ASP B 86 -6.69 -22.61 7.88
C ASP B 86 -8.19 -22.61 7.71
N ILE B 87 -8.73 -23.74 7.26
CA ILE B 87 -10.13 -23.84 6.93
C ILE B 87 -10.58 -25.29 7.14
N ALA B 88 -11.81 -25.43 7.62
CA ALA B 88 -12.39 -26.72 7.98
C ALA B 88 -13.89 -26.63 7.81
N LEU B 89 -14.50 -27.83 7.66
CA LEU B 89 -15.92 -27.96 7.55
C LEU B 89 -16.43 -28.95 8.57
N VAL B 90 -17.57 -28.61 9.16
CA VAL B 90 -18.21 -29.44 10.14
C VAL B 90 -19.56 -29.84 9.58
N ARG B 91 -19.82 -31.15 9.50
CA ARG B 91 -21.10 -31.65 9.04
C ARG B 91 -21.96 -32.05 10.25
N LEU B 92 -23.18 -31.52 10.33
CA LEU B 92 -24.11 -31.87 11.37
C LEU B 92 -24.74 -33.24 11.13
N GLU B 93 -25.11 -33.87 12.23
CA GLU B 93 -25.82 -35.15 12.17
CA GLU B 93 -25.82 -35.15 12.17
C GLU B 93 -27.19 -34.98 11.53
N ASN B 94 -27.89 -33.90 11.89
CA ASN B 94 -29.25 -33.64 11.46
C ASN B 94 -29.31 -32.28 10.79
N SER B 95 -30.18 -32.17 9.78
CA SER B 95 -30.40 -30.89 9.13
CA SER B 95 -30.41 -30.89 9.13
C SER B 95 -31.11 -29.94 10.09
N VAL B 96 -30.61 -28.70 10.15
CA VAL B 96 -31.21 -27.67 10.98
C VAL B 96 -32.46 -27.14 10.28
N THR B 97 -33.55 -26.99 11.03
CA THR B 97 -34.70 -26.25 10.55
CA THR B 97 -34.70 -26.25 10.53
C THR B 97 -34.43 -24.75 10.72
N PHE B 98 -34.34 -24.04 9.61
CA PHE B 98 -34.00 -22.63 9.64
C PHE B 98 -35.18 -21.79 10.07
N THR B 99 -34.83 -20.72 10.80
CA THR B 99 -35.75 -19.71 11.31
C THR B 99 -35.14 -18.33 11.05
N LYS B 100 -35.86 -17.27 11.49
CA LYS B 100 -35.28 -15.93 11.43
C LYS B 100 -33.96 -15.90 12.18
N ASP B 101 -33.90 -16.61 13.31
CA ASP B 101 -32.77 -16.47 14.21
C ASP B 101 -31.68 -17.50 13.97
N ILE B 102 -31.92 -18.54 13.14
CA ILE B 102 -30.90 -19.53 12.83
CA ILE B 102 -30.91 -19.53 12.82
C ILE B 102 -31.02 -19.89 11.35
N HIS B 103 -30.02 -19.47 10.56
CA HIS B 103 -29.98 -19.80 9.14
C HIS B 103 -28.59 -19.48 8.61
N SER B 104 -28.39 -19.64 7.30
CA SER B 104 -27.05 -19.64 6.73
C SER B 104 -26.64 -18.24 6.26
N VAL B 105 -25.31 -18.04 6.24
CA VAL B 105 -24.66 -16.92 5.59
C VAL B 105 -24.38 -17.35 4.13
N CYS B 106 -24.28 -16.39 3.22
CA CYS B 106 -23.94 -16.69 1.85
C CYS B 106 -22.43 -16.81 1.67
N LEU B 107 -22.02 -17.71 0.77
CA LEU B 107 -20.66 -17.74 0.33
C LEU B 107 -20.44 -16.62 -0.69
N PRO B 108 -19.22 -16.02 -0.71
CA PRO B 108 -18.91 -14.97 -1.66
C PRO B 108 -18.78 -15.57 -3.06
N ALA B 109 -19.01 -14.73 -4.07
CA ALA B 109 -18.61 -15.04 -5.43
C ALA B 109 -17.09 -14.97 -5.54
N ALA B 110 -16.52 -15.69 -6.52
CA ALA B 110 -15.08 -15.69 -6.72
C ALA B 110 -14.57 -14.27 -6.93
N THR B 111 -15.41 -13.43 -7.55
CA THR B 111 -15.06 -12.05 -7.87
C THR B 111 -15.68 -11.08 -6.87
N GLN B 112 -16.05 -11.55 -5.66
CA GLN B 112 -16.72 -10.69 -4.69
C GLN B 112 -15.92 -9.40 -4.53
N ASN B 113 -16.63 -8.27 -4.53
CA ASN B 113 -16.05 -6.96 -4.29
C ASN B 113 -15.78 -6.80 -2.79
N ILE B 114 -14.48 -6.84 -2.45
CA ILE B 114 -14.01 -6.71 -1.08
C ILE B 114 -12.87 -5.72 -1.15
N PRO B 115 -13.18 -4.43 -1.23
CA PRO B 115 -12.13 -3.42 -1.46
C PRO B 115 -11.34 -3.12 -0.20
N PRO B 116 -10.06 -2.73 -0.36
CA PRO B 116 -9.28 -2.25 0.78
C PRO B 116 -10.04 -1.14 1.48
N GLY B 117 -10.03 -1.19 2.81
CA GLY B 117 -10.69 -0.20 3.62
C GLY B 117 -12.16 -0.50 3.87
N SER B 118 -12.76 -1.52 3.25
CA SER B 118 -14.20 -1.72 3.38
C SER B 118 -14.55 -2.27 4.77
N THR B 119 -15.63 -1.78 5.36
CA THR B 119 -16.02 -2.21 6.68
C THR B 119 -16.67 -3.59 6.64
N ALA B 120 -16.53 -4.29 7.76
CA ALA B 120 -16.97 -5.67 7.91
C ALA B 120 -17.20 -5.93 9.39
N TYR B 121 -18.02 -6.94 9.71
CA TYR B 121 -18.24 -7.34 11.10
C TYR B 121 -17.58 -8.68 11.38
N VAL B 122 -16.93 -8.76 12.55
CA VAL B 122 -16.39 -10.03 13.05
C VAL B 122 -17.08 -10.33 14.39
N THR B 123 -17.38 -11.62 14.59
CA THR B 123 -18.18 -12.03 15.73
C THR B 123 -17.58 -13.23 16.41
N GLY B 124 -17.74 -13.30 17.74
CA GLY B 124 -17.31 -14.48 18.47
C GLY B 124 -17.35 -14.31 19.98
N TRP B 125 -16.99 -15.40 20.65
CA TRP B 125 -16.96 -15.50 22.10
C TRP B 125 -15.53 -15.47 22.63
N GLY B 126 -14.62 -14.97 21.83
CA GLY B 126 -13.23 -14.91 22.23
C GLY B 126 -12.96 -13.87 23.30
N ALA B 127 -11.73 -13.85 23.75
CA ALA B 127 -11.25 -12.95 24.79
C ALA B 127 -11.35 -11.48 24.37
N GLN B 128 -11.34 -10.63 25.42
CA GLN B 128 -11.34 -9.18 25.24
C GLN B 128 -9.93 -8.62 25.37
N GLU B 129 -8.97 -9.50 25.66
CA GLU B 129 -7.55 -9.14 25.69
C GLU B 129 -6.75 -10.39 25.37
N TYR B 130 -5.50 -10.25 24.87
N TYR B 130 -5.56 -10.14 24.83
CA TYR B 130 -4.73 -11.37 24.33
CA TYR B 130 -4.53 -11.15 24.80
C TYR B 130 -4.61 -12.54 25.32
C TYR B 130 -4.38 -11.66 26.24
N ALA B 131 -4.90 -13.77 24.84
N ALA B 131 -4.40 -12.98 26.36
CA ALA B 131 -4.76 -14.99 25.62
CA ALA B 131 -4.12 -13.64 27.63
C ALA B 131 -5.62 -14.98 26.90
C ALA B 131 -5.40 -13.74 28.44
N GLY B 132 -6.66 -14.13 26.96
N GLY B 132 -6.52 -13.29 27.88
CA GLY B 132 -7.48 -13.99 28.16
CA GLY B 132 -7.80 -13.39 28.55
C GLY B 132 -8.67 -14.94 28.13
C GLY B 132 -8.63 -14.65 28.25
N HIS B 133 -9.64 -14.78 29.07
CA HIS B 133 -10.70 -15.75 29.06
C HIS B 133 -11.72 -15.43 27.94
N THR B 134 -12.34 -16.48 27.45
CA THR B 134 -13.53 -16.38 26.62
C THR B 134 -14.61 -15.61 27.37
N VAL B 135 -15.60 -15.16 26.62
CA VAL B 135 -16.75 -14.46 27.18
C VAL B 135 -17.98 -15.35 26.97
N PRO B 136 -18.99 -15.24 27.86
CA PRO B 136 -20.15 -16.10 27.76
C PRO B 136 -21.19 -15.72 26.71
N GLU B 137 -21.19 -14.46 26.30
CA GLU B 137 -22.17 -13.95 25.36
C GLU B 137 -21.44 -13.38 24.15
N LEU B 138 -22.00 -13.64 22.99
CA LEU B 138 -21.43 -13.30 21.71
C LEU B 138 -21.16 -11.81 21.60
N ARG B 139 -19.99 -11.44 21.07
CA ARG B 139 -19.63 -10.06 20.80
C ARG B 139 -19.39 -9.87 19.31
N GLN B 140 -19.46 -8.60 18.93
CA GLN B 140 -19.29 -8.17 17.55
C GLN B 140 -18.36 -6.95 17.54
N GLY B 141 -17.63 -6.83 16.43
CA GLY B 141 -16.74 -5.71 16.22
C GLY B 141 -16.80 -5.31 14.75
N GLN B 142 -16.78 -4.01 14.49
CA GLN B 142 -16.70 -3.53 13.12
CA GLN B 142 -16.70 -3.53 13.11
C GLN B 142 -15.26 -3.16 12.79
N VAL B 143 -14.71 -3.80 11.76
CA VAL B 143 -13.35 -3.58 11.34
C VAL B 143 -13.34 -3.15 9.87
N ARG B 144 -12.15 -2.80 9.37
CA ARG B 144 -11.95 -2.55 7.94
C ARG B 144 -10.96 -3.54 7.35
N ILE B 145 -11.22 -3.97 6.11
CA ILE B 145 -10.27 -4.78 5.36
C ILE B 145 -9.00 -3.96 5.16
N ILE B 146 -7.88 -4.64 5.38
CA ILE B 146 -6.56 -4.06 5.19
C ILE B 146 -5.88 -4.93 4.13
N SER B 147 -5.48 -4.34 3.01
CA SER B 147 -4.95 -5.14 1.92
C SER B 147 -3.79 -6.00 2.38
N ASN B 148 -3.59 -7.13 1.72
CA ASN B 148 -2.48 -8.01 2.01
C ASN B 148 -1.17 -7.22 1.90
N ASP B 149 -1.05 -6.38 0.86
CA ASP B 149 0.20 -5.63 0.70
C ASP B 149 0.50 -4.74 1.89
N VAL B 150 -0.50 -4.04 2.41
CA VAL B 150 -0.32 -3.18 3.58
C VAL B 150 -0.04 -4.03 4.82
N CYS B 151 -0.76 -5.15 4.90
CA CYS B 151 -0.63 -6.05 6.04
C CYS B 151 0.78 -6.65 6.09
N ASN B 152 1.44 -6.74 4.94
CA ASN B 152 2.76 -7.31 4.80
C ASN B 152 3.86 -6.25 4.94
N ALA B 153 3.53 -5.03 5.38
CA ALA B 153 4.54 -4.02 5.61
C ALA B 153 5.59 -4.56 6.57
N PRO B 154 6.84 -4.06 6.51
CA PRO B 154 7.90 -4.59 7.39
C PRO B 154 7.60 -4.49 8.88
N HIS B 155 6.91 -3.43 9.30
CA HIS B 155 6.57 -3.23 10.70
C HIS B 155 5.28 -3.97 11.08
N SER B 156 4.66 -4.60 10.09
CA SER B 156 3.48 -5.42 10.31
C SER B 156 3.89 -6.88 10.14
N TYR B 157 3.31 -7.61 9.18
CA TYR B 157 3.61 -9.03 9.13
C TYR B 157 4.74 -9.39 8.16
N ASN B 158 5.27 -8.39 7.43
CA ASN B 158 6.56 -8.57 6.77
C ASN B 158 6.60 -9.81 5.89
N GLY B 159 5.56 -10.06 5.10
CA GLY B 159 5.53 -11.13 4.12
C GLY B 159 4.79 -12.40 4.57
N ALA B 160 4.36 -12.47 5.83
CA ALA B 160 3.69 -13.67 6.34
C ALA B 160 2.23 -13.80 5.92
N ILE B 161 1.68 -12.73 5.33
CA ILE B 161 0.33 -12.81 4.83
C ILE B 161 0.32 -13.36 3.42
N LEU B 162 -0.28 -14.52 3.24
CA LEU B 162 -0.30 -15.24 1.98
C LEU B 162 -1.62 -15.03 1.24
N SER B 163 -1.70 -15.45 -0.02
CA SER B 163 -2.79 -15.08 -0.90
C SER B 163 -4.15 -15.63 -0.44
N GLY B 164 -4.17 -16.73 0.31
CA GLY B 164 -5.42 -17.27 0.83
C GLY B 164 -5.80 -16.70 2.19
N MET B 165 -5.12 -15.61 2.58
CA MET B 165 -5.41 -14.88 3.80
C MET B 165 -5.89 -13.48 3.46
N LEU B 166 -6.49 -12.85 4.45
CA LEU B 166 -6.81 -11.42 4.42
C LEU B 166 -6.65 -10.84 5.80
N CYS B 167 -6.46 -9.52 5.86
CA CYS B 167 -6.32 -8.82 7.13
C CYS B 167 -7.47 -7.85 7.35
N ALA B 168 -7.73 -7.57 8.61
CA ALA B 168 -8.71 -6.57 8.98
C ALA B 168 -8.39 -6.01 10.36
N GLY B 169 -8.70 -4.72 10.51
CA GLY B 169 -8.55 -4.02 11.77
C GLY B 169 -9.07 -2.60 11.65
N VAL B 170 -8.85 -1.76 12.67
CA VAL B 170 -9.29 -0.38 12.57
C VAL B 170 -8.08 0.58 12.68
N PRO B 171 -8.22 1.78 12.08
CA PRO B 171 -7.15 2.79 12.05
C PRO B 171 -6.47 3.05 13.39
N GLN B 172 -7.22 3.00 14.52
CA GLN B 172 -6.65 3.32 15.83
C GLN B 172 -6.23 2.06 16.60
N GLY B 173 -6.47 0.86 16.00
CA GLY B 173 -6.30 -0.37 16.72
C GLY B 173 -7.41 -0.52 17.75
N GLY B 174 -7.33 -1.63 18.48
CA GLY B 174 -8.20 -1.85 19.61
C GLY B 174 -9.50 -2.56 19.27
N VAL B 175 -9.74 -2.91 17.99
CA VAL B 175 -10.89 -3.73 17.62
C VAL B 175 -10.36 -4.90 16.81
N ASP B 176 -10.63 -6.12 17.27
CA ASP B 176 -9.97 -7.26 16.66
C ASP B 176 -10.58 -8.54 17.22
N ALA B 177 -10.37 -9.63 16.48
CA ALA B 177 -10.60 -10.96 17.03
C ALA B 177 -9.49 -11.32 17.99
N CYS B 178 -9.74 -12.29 18.86
CA CYS B 178 -8.79 -12.70 19.87
C CYS B 178 -8.98 -14.18 20.17
N GLN B 179 -8.19 -14.73 21.10
CA GLN B 179 -8.25 -16.16 21.37
C GLN B 179 -9.67 -16.59 21.75
N GLY B 180 -10.15 -17.64 21.07
CA GLY B 180 -11.51 -18.13 21.22
C GLY B 180 -12.44 -17.68 20.11
N ASP B 181 -11.97 -16.75 19.27
CA ASP B 181 -12.71 -16.31 18.11
C ASP B 181 -12.41 -17.11 16.83
N SER B 182 -11.31 -17.88 16.83
CA SER B 182 -10.93 -18.70 15.69
C SER B 182 -12.13 -19.43 15.10
N GLY B 183 -12.22 -19.41 13.76
CA GLY B 183 -13.26 -20.14 13.08
C GLY B 183 -14.51 -19.33 12.81
N GLY B 184 -14.67 -18.22 13.53
CA GLY B 184 -15.86 -17.39 13.34
C GLY B 184 -15.72 -16.46 12.14
N PRO B 185 -16.85 -15.86 11.73
CA PRO B 185 -16.96 -15.16 10.46
C PRO B 185 -16.53 -13.69 10.51
N LEU B 186 -16.08 -13.26 9.35
CA LEU B 186 -15.93 -11.85 8.99
C LEU B 186 -16.88 -11.63 7.81
N VAL B 187 -17.86 -10.74 7.96
CA VAL B 187 -18.98 -10.66 7.06
C VAL B 187 -19.20 -9.25 6.52
N GLN B 188 -19.64 -9.21 5.27
CA GLN B 188 -20.07 -7.97 4.63
C GLN B 188 -21.36 -8.25 3.87
N GLU B 189 -22.21 -7.24 3.73
CA GLU B 189 -23.45 -7.37 2.99
C GLU B 189 -23.39 -6.57 1.69
N ASP B 190 -24.19 -7.04 0.74
CA ASP B 190 -24.26 -6.41 -0.56
C ASP B 190 -25.41 -5.39 -0.59
N SER B 191 -25.65 -4.84 -1.80
CA SER B 191 -26.66 -3.83 -1.99
C SER B 191 -28.08 -4.37 -1.83
N ARG B 192 -28.26 -5.70 -1.84
CA ARG B 192 -29.56 -6.30 -1.61
C ARG B 192 -29.72 -6.75 -0.16
N ARG B 193 -28.73 -6.39 0.69
CA ARG B 193 -28.70 -6.69 2.11
C ARG B 193 -28.57 -8.19 2.35
N LEU B 194 -27.92 -8.89 1.42
CA LEU B 194 -27.50 -10.27 1.63
C LEU B 194 -26.09 -10.24 2.22
N TRP B 195 -25.88 -11.03 3.28
CA TRP B 195 -24.63 -11.08 3.99
C TRP B 195 -23.81 -12.27 3.51
N PHE B 196 -22.52 -11.99 3.31
CA PHE B 196 -21.55 -12.94 2.84
C PHE B 196 -20.41 -13.07 3.82
N ILE B 197 -19.93 -14.31 3.96
CA ILE B 197 -18.73 -14.57 4.74
C ILE B 197 -17.50 -14.38 3.84
N VAL B 198 -16.68 -13.35 4.15
CA VAL B 198 -15.50 -13.06 3.37
C VAL B 198 -14.25 -13.57 4.05
N GLY B 199 -14.31 -13.77 5.36
CA GLY B 199 -13.15 -14.24 6.08
C GLY B 199 -13.54 -15.16 7.23
N ILE B 200 -12.57 -15.95 7.64
CA ILE B 200 -12.67 -16.81 8.83
C ILE B 200 -11.56 -16.43 9.78
N VAL B 201 -11.89 -16.15 11.03
CA VAL B 201 -10.88 -15.75 12.01
C VAL B 201 -9.79 -16.81 12.11
N SER B 202 -8.52 -16.38 12.02
CA SER B 202 -7.41 -17.34 11.98
C SER B 202 -6.32 -17.03 13.02
N TRP B 203 -5.57 -15.92 12.87
CA TRP B 203 -4.41 -15.69 13.70
C TRP B 203 -4.05 -14.21 13.71
N GLY B 204 -3.10 -13.86 14.57
CA GLY B 204 -2.57 -12.52 14.63
C GLY B 204 -1.48 -12.45 15.66
N ASP B 205 -0.71 -11.38 15.63
CA ASP B 205 0.27 -11.13 16.66
C ASP B 205 -0.43 -10.40 17.81
N GLN B 206 -0.68 -11.15 18.91
CA GLN B 206 -1.50 -10.67 20.01
C GLN B 206 -2.86 -10.23 19.43
N CYS B 207 -3.47 -9.21 20.02
CA CYS B 207 -4.81 -8.77 19.59
C CYS B 207 -4.88 -7.25 19.62
N GLY B 208 -5.43 -6.66 18.56
CA GLY B 208 -5.81 -5.26 18.57
C GLY B 208 -4.65 -4.27 18.45
N LEU B 209 -3.42 -4.76 18.20
CA LEU B 209 -2.31 -3.84 17.98
C LEU B 209 -2.45 -3.12 16.66
N PRO B 210 -2.24 -1.78 16.59
CA PRO B 210 -2.49 -1.08 15.30
C PRO B 210 -1.62 -1.60 14.15
N ASP B 211 -0.38 -2.00 14.44
CA ASP B 211 0.47 -2.47 13.37
C ASP B 211 0.29 -3.96 13.07
N LYS B 212 -0.54 -4.66 13.85
CA LYS B 212 -0.69 -6.10 13.68
C LYS B 212 -2.18 -6.43 13.58
N PRO B 213 -2.79 -6.16 12.43
CA PRO B 213 -4.20 -6.47 12.24
C PRO B 213 -4.45 -7.97 12.40
N GLY B 214 -5.73 -8.30 12.60
CA GLY B 214 -6.11 -9.70 12.62
C GLY B 214 -6.04 -10.29 11.22
N VAL B 215 -5.66 -11.58 11.19
CA VAL B 215 -5.51 -12.34 9.96
C VAL B 215 -6.58 -13.41 9.87
N TYR B 216 -7.15 -13.51 8.70
CA TYR B 216 -8.33 -14.32 8.42
C TYR B 216 -8.03 -15.21 7.23
N THR B 217 -8.71 -16.37 7.18
CA THR B 217 -8.73 -17.10 5.92
C THR B 217 -9.65 -16.40 4.94
N ARG B 218 -9.16 -16.22 3.70
CA ARG B 218 -9.89 -15.57 2.64
C ARG B 218 -10.85 -16.56 1.96
N VAL B 219 -12.14 -16.43 2.22
CA VAL B 219 -13.08 -17.45 1.80
C VAL B 219 -13.09 -17.63 0.27
N THR B 220 -12.96 -16.54 -0.49
CA THR B 220 -13.04 -16.67 -1.94
C THR B 220 -11.99 -17.67 -2.45
N ALA B 221 -10.85 -17.78 -1.76
CA ALA B 221 -9.77 -18.65 -2.19
C ALA B 221 -10.13 -20.14 -2.06
N TYR B 222 -11.25 -20.49 -1.39
CA TYR B 222 -11.56 -21.87 -1.04
C TYR B 222 -12.92 -22.30 -1.54
N LEU B 223 -13.51 -21.55 -2.47
CA LEU B 223 -14.86 -21.85 -2.92
C LEU B 223 -14.92 -23.23 -3.60
N ASP B 224 -13.92 -23.56 -4.40
CA ASP B 224 -13.89 -24.86 -5.06
CA ASP B 224 -13.88 -24.85 -5.06
C ASP B 224 -13.77 -25.97 -4.02
N TRP B 225 -12.89 -25.78 -3.03
CA TRP B 225 -12.73 -26.75 -1.97
C TRP B 225 -14.06 -26.98 -1.24
N ILE B 226 -14.74 -25.87 -0.89
CA ILE B 226 -16.01 -25.99 -0.18
C ILE B 226 -17.04 -26.75 -1.04
N ARG B 227 -17.14 -26.40 -2.34
CA ARG B 227 -18.06 -27.04 -3.26
C ARG B 227 -17.76 -28.53 -3.36
N GLN B 228 -16.48 -28.88 -3.49
CA GLN B 228 -16.09 -30.28 -3.60
C GLN B 228 -16.46 -31.05 -2.34
N GLN B 229 -16.22 -30.48 -1.17
CA GLN B 229 -16.44 -31.20 0.08
C GLN B 229 -17.93 -31.29 0.42
N THR B 230 -18.75 -30.29 0.05
CA THR B 230 -20.12 -30.20 0.50
C THR B 230 -21.20 -30.23 -0.59
N GLY B 231 -20.87 -29.89 -1.84
CA GLY B 231 -21.89 -29.64 -2.85
C GLY B 231 -22.42 -28.19 -2.91
N ILE B 232 -22.05 -27.30 -1.98
CA ILE B 232 -22.62 -25.95 -1.91
C ILE B 232 -21.85 -24.96 -2.80
N GLU B 233 -22.61 -24.14 -3.58
CA GLU B 233 -22.08 -23.06 -4.41
C GLU B 233 -22.42 -21.71 -3.78
N PHE B 234 -22.14 -20.60 -4.49
CA PHE B 234 -22.58 -19.27 -4.11
N ALA C 124 -11.72 41.06 22.63
CA ALA C 124 -12.97 40.25 22.59
C ALA C 124 -12.61 38.81 22.96
N ALA C 125 -13.62 37.91 22.94
CA ALA C 125 -13.36 36.47 22.98
C ALA C 125 -12.56 36.08 24.23
N ASN C 126 -12.93 36.69 25.35
CA ASN C 126 -12.27 36.41 26.59
C ASN C 126 -12.84 35.13 27.21
N TRP C 127 -12.06 34.04 27.13
CA TRP C 127 -12.53 32.75 27.63
C TRP C 127 -12.68 32.76 29.15
N LEU C 128 -12.02 33.69 29.84
CA LEU C 128 -12.13 33.78 31.29
C LEU C 128 -13.54 34.15 31.72
N ILE C 129 -14.31 34.84 30.86
CA ILE C 129 -15.70 35.14 31.18
C ILE C 129 -16.61 34.35 30.24
N ASN C 130 -16.08 33.21 29.77
CA ASN C 130 -16.88 32.20 29.06
C ASN C 130 -17.17 32.66 27.63
N GLU C 131 -16.42 33.62 27.09
CA GLU C 131 -16.63 34.00 25.69
C GLU C 131 -15.88 33.03 24.76
N CYS C 132 -16.54 32.69 23.66
CA CYS C 132 -16.04 31.71 22.71
C CYS C 132 -15.17 32.37 21.63
N GLY C 133 -14.40 31.54 20.93
CA GLY C 133 -13.97 31.91 19.58
C GLY C 133 -12.56 32.50 19.42
N ALA C 134 -11.80 32.69 20.49
CA ALA C 134 -10.42 33.17 20.31
C ALA C 134 -9.54 32.11 19.68
N GLY C 135 -8.81 32.52 18.66
CA GLY C 135 -7.77 31.68 18.06
C GLY C 135 -6.39 32.22 18.43
N PRO C 136 -5.33 31.65 17.83
CA PRO C 136 -3.96 32.10 18.13
C PRO C 136 -3.64 33.51 17.66
N ASP C 137 -4.48 34.05 16.78
CA ASP C 137 -4.27 35.36 16.19
C ASP C 137 -5.10 36.43 16.86
N LEU C 138 -5.71 36.12 18.02
CA LEU C 138 -6.44 37.13 18.77
C LEU C 138 -5.55 38.35 18.99
N ILE C 139 -6.09 39.53 18.81
CA ILE C 139 -5.33 40.74 19.07
C ILE C 139 -5.33 41.03 20.56
N THR C 140 -4.14 41.11 21.14
CA THR C 140 -4.04 41.13 22.59
C THR C 140 -3.37 42.41 23.08
N ASP C 141 -3.02 43.35 22.18
CA ASP C 141 -2.28 44.54 22.60
C ASP C 141 -3.02 45.86 22.36
N ASP C 142 -4.35 45.85 22.26
CA ASP C 142 -5.08 47.09 22.08
C ASP C 142 -5.11 47.96 23.35
N ASP C 143 -4.93 47.35 24.51
CA ASP C 143 -5.10 48.05 25.77
C ASP C 143 -3.78 48.67 26.23
N ASP C 144 -2.64 48.24 25.70
CA ASP C 144 -1.37 48.81 26.12
C ASP C 144 -1.32 50.27 25.70
N LYS C 145 -0.74 51.07 26.59
CA LYS C 145 -0.62 52.49 26.38
C LYS C 145 0.69 52.82 25.65
N ILE D 1 -6.30 13.53 8.87
CA ILE D 1 -6.26 14.65 7.87
C ILE D 1 -5.28 14.28 6.77
N LEU D 2 -5.73 14.39 5.53
CA LEU D 2 -4.92 14.22 4.35
C LEU D 2 -4.46 15.58 3.88
N GLY D 3 -3.19 15.69 3.50
CA GLY D 3 -2.68 16.92 2.90
C GLY D 3 -2.53 18.06 3.90
N GLY D 4 -2.43 17.73 5.18
CA GLY D 4 -2.38 18.74 6.21
C GLY D 4 -0.99 18.87 6.80
N THR D 5 -0.93 19.71 7.83
CA THR D 5 0.31 19.97 8.53
C THR D 5 0.08 19.77 10.01
N GLU D 6 1.16 19.49 10.76
CA GLU D 6 1.09 19.39 12.20
C GLU D 6 0.66 20.70 12.82
N ALA D 7 -0.32 20.63 13.70
CA ALA D 7 -0.84 21.80 14.41
C ALA D 7 0.07 22.19 15.57
N GLU D 8 0.21 23.50 15.81
CA GLU D 8 0.91 23.98 16.99
C GLU D 8 -0.02 24.03 18.19
N GLU D 9 0.53 23.85 19.38
CA GLU D 9 -0.25 24.03 20.60
CA GLU D 9 -0.16 24.09 20.64
C GLU D 9 -0.81 25.46 20.59
N GLY D 10 -2.07 25.54 20.96
CA GLY D 10 -2.82 26.80 21.02
C GLY D 10 -3.47 27.21 19.68
N SER D 11 -3.20 26.50 18.59
CA SER D 11 -3.85 26.85 17.34
C SER D 11 -5.36 26.58 17.42
N TRP D 12 -5.72 25.44 18.02
CA TRP D 12 -7.09 24.94 17.97
C TRP D 12 -7.56 24.63 19.39
N PRO D 13 -7.87 25.66 20.18
CA PRO D 13 -8.08 25.46 21.62
C PRO D 13 -9.30 24.64 21.99
N TRP D 14 -10.23 24.55 21.07
CA TRP D 14 -11.47 23.80 21.27
C TRP D 14 -11.35 22.32 20.91
N GLN D 15 -10.30 21.94 20.17
CA GLN D 15 -10.17 20.56 19.71
C GLN D 15 -9.97 19.61 20.87
N VAL D 16 -10.79 18.57 20.91
CA VAL D 16 -10.58 17.46 21.83
C VAL D 16 -10.50 16.15 21.05
N SER D 17 -9.82 15.18 21.69
CA SER D 17 -9.86 13.78 21.29
C SER D 17 -10.85 13.05 22.19
N LEU D 18 -11.70 12.22 21.59
CA LEU D 18 -12.60 11.33 22.33
C LEU D 18 -12.02 9.92 22.21
N ARG D 19 -11.69 9.36 23.37
CA ARG D 19 -11.00 8.08 23.45
C ARG D 19 -11.98 7.01 23.92
N LEU D 20 -12.02 5.93 23.13
CA LEU D 20 -12.80 4.72 23.46
C LEU D 20 -11.82 3.55 23.56
N ASN D 21 -11.95 2.66 24.56
CA ASN D 21 -11.04 1.50 24.57
C ASN D 21 -9.62 2.04 24.87
N ASN D 22 -9.42 3.22 25.51
CA ASN D 22 -8.10 3.81 25.69
C ASN D 22 -7.31 4.00 24.38
N ALA D 23 -8.03 4.44 23.35
CA ALA D 23 -7.39 4.83 22.10
C ALA D 23 -8.20 6.03 21.58
N HIS D 24 -7.51 6.93 20.88
CA HIS D 24 -8.22 7.95 20.11
C HIS D 24 -9.26 7.28 19.22
N HIS D 25 -10.48 7.78 19.23
CA HIS D 25 -11.52 7.27 18.35
C HIS D 25 -12.10 8.37 17.45
N CYS D 26 -12.40 9.55 18.03
CA CYS D 26 -13.12 10.59 17.32
CA CYS D 26 -12.95 10.59 17.18
C CYS D 26 -12.56 11.94 17.75
N GLY D 27 -12.81 12.97 16.94
CA GLY D 27 -12.62 14.32 17.37
C GLY D 27 -13.89 14.88 18.00
N GLY D 28 -13.74 16.06 18.58
CA GLY D 28 -14.84 16.87 19.05
C GLY D 28 -14.39 18.28 19.31
N SER D 29 -15.35 19.16 19.61
CA SER D 29 -15.07 20.58 19.84
C SER D 29 -15.76 21.03 21.12
N LEU D 30 -15.01 21.68 22.01
CA LEU D 30 -15.64 22.36 23.14
C LEU D 30 -16.50 23.50 22.63
N ILE D 31 -17.78 23.50 23.03
CA ILE D 31 -18.68 24.64 22.77
C ILE D 31 -18.99 25.41 24.05
N ASN D 32 -18.62 24.85 25.19
CA ASN D 32 -18.50 25.56 26.44
C ASN D 32 -17.71 24.66 27.37
N ASN D 33 -17.61 25.05 28.67
CA ASN D 33 -16.67 24.36 29.53
CA ASN D 33 -16.74 24.42 29.63
C ASN D 33 -17.17 23.01 30.02
N MET D 34 -18.39 22.60 29.66
CA MET D 34 -18.88 21.27 30.01
C MET D 34 -19.41 20.47 28.80
N TRP D 35 -19.40 21.05 27.59
CA TRP D 35 -20.04 20.41 26.46
C TRP D 35 -19.13 20.33 25.25
N ILE D 36 -19.07 19.14 24.68
CA ILE D 36 -18.34 18.84 23.46
C ILE D 36 -19.34 18.47 22.36
N LEU D 37 -19.19 19.10 21.19
CA LEU D 37 -19.97 18.80 20.01
C LEU D 37 -19.18 17.84 19.13
N THR D 38 -19.84 16.78 18.66
CA THR D 38 -19.19 15.73 17.91
C THR D 38 -20.22 15.04 17.01
N ALA D 39 -19.83 13.88 16.46
CA ALA D 39 -20.65 13.13 15.51
C ALA D 39 -21.34 11.97 16.24
N ALA D 40 -22.58 11.68 15.83
CA ALA D 40 -23.29 10.49 16.29
C ALA D 40 -22.56 9.20 15.94
N HIS D 41 -21.93 9.13 14.76
CA HIS D 41 -21.27 7.91 14.33
C HIS D 41 -20.22 7.43 15.33
N CYS D 42 -19.62 8.36 16.07
CA CYS D 42 -18.60 8.05 17.07
C CYS D 42 -19.10 6.99 18.05
N PHE D 43 -20.42 6.97 18.29
CA PHE D 43 -21.02 6.19 19.36
C PHE D 43 -21.78 4.96 18.83
N ARG D 44 -21.52 4.59 17.58
CA ARG D 44 -22.28 3.51 16.95
CA ARG D 44 -22.17 3.47 16.89
C ARG D 44 -22.10 2.19 17.71
N SER D 45 -20.93 1.96 18.27
CA SER D 45 -20.66 0.71 18.97
C SER D 45 -20.84 0.86 20.48
N ASN D 46 -20.55 2.04 21.01
CA ASN D 46 -20.46 2.24 22.45
C ASN D 46 -20.91 3.66 22.76
N SER D 47 -21.99 3.81 23.51
CA SER D 47 -22.46 5.10 23.97
C SER D 47 -22.50 5.12 25.49
N ASN D 48 -21.62 4.34 26.11
CA ASN D 48 -21.53 4.23 27.56
CA ASN D 48 -21.53 4.23 27.55
C ASN D 48 -20.53 5.25 28.08
N PRO D 49 -20.99 6.33 28.77
CA PRO D 49 -20.07 7.39 29.19
C PRO D 49 -18.87 6.92 29.99
N ARG D 50 -19.01 5.81 30.74
CA ARG D 50 -17.90 5.30 31.54
C ARG D 50 -16.72 4.83 30.71
N ASP D 51 -16.96 4.52 29.42
CA ASP D 51 -15.96 3.94 28.55
C ASP D 51 -15.22 4.99 27.69
N TRP D 52 -15.60 6.25 27.86
CA TRP D 52 -15.06 7.35 27.09
C TRP D 52 -14.31 8.34 27.97
N ILE D 53 -13.21 8.86 27.42
CA ILE D 53 -12.43 9.92 28.02
C ILE D 53 -12.19 10.98 26.95
N ALA D 54 -12.28 12.27 27.29
CA ALA D 54 -11.91 13.34 26.37
C ALA D 54 -10.53 13.85 26.75
N THR D 55 -9.69 14.21 25.76
CA THR D 55 -8.43 14.83 26.08
C THR D 55 -8.24 16.11 25.26
N SER D 56 -7.48 17.02 25.88
CA SER D 56 -7.02 18.25 25.24
CA SER D 56 -7.02 18.25 25.25
C SER D 56 -5.50 18.19 25.18
N GLY D 57 -4.95 18.78 24.11
CA GLY D 57 -3.52 18.81 23.84
C GLY D 57 -3.30 18.32 22.43
N ILE D 58 -2.21 18.71 21.78
CA ILE D 58 -1.99 18.29 20.40
C ILE D 58 -1.62 16.79 20.32
N SER D 59 -1.26 16.17 21.45
CA SER D 59 -0.82 14.77 21.44
C SER D 59 -1.88 13.89 22.09
N THR D 60 -2.22 12.78 21.43
CA THR D 60 -3.10 11.81 22.06
C THR D 60 -2.28 10.84 22.94
N THR D 61 -0.96 10.84 22.75
N THR D 61 -0.96 10.85 22.76
CA THR D 61 -0.09 10.01 23.55
CA THR D 61 -0.12 9.99 23.58
C THR D 61 0.19 10.68 24.89
C THR D 61 0.21 10.67 24.89
N PHE D 62 0.48 11.99 24.85
CA PHE D 62 0.79 12.80 26.01
C PHE D 62 -0.13 14.03 26.06
N PRO D 63 -1.41 13.83 26.36
CA PRO D 63 -2.34 14.95 26.43
C PRO D 63 -2.02 15.90 27.57
N LYS D 64 -2.51 17.13 27.46
CA LYS D 64 -2.37 18.11 28.54
C LYS D 64 -3.45 17.91 29.60
N LEU D 65 -4.62 17.43 29.20
CA LEU D 65 -5.75 17.34 30.10
C LEU D 65 -6.60 16.14 29.70
N ARG D 66 -6.98 15.35 30.71
CA ARG D 66 -7.91 14.24 30.56
C ARG D 66 -9.18 14.59 31.30
N MET D 67 -10.33 14.32 30.67
CA MET D 67 -11.63 14.71 31.19
CA MET D 67 -11.62 14.71 31.19
C MET D 67 -12.58 13.52 31.15
N ARG D 68 -13.17 13.18 32.30
CA ARG D 68 -14.18 12.16 32.37
C ARG D 68 -15.49 12.67 31.75
N VAL D 69 -16.23 11.73 31.21
CA VAL D 69 -17.48 11.97 30.51
C VAL D 69 -18.64 11.51 31.37
N ARG D 70 -19.67 12.35 31.46
CA ARG D 70 -20.83 12.07 32.28
CA ARG D 70 -20.84 12.08 32.28
C ARG D 70 -21.97 11.52 31.43
N ASN D 71 -22.22 12.15 30.26
CA ASN D 71 -23.36 11.77 29.42
CA ASN D 71 -23.35 11.72 29.43
C ASN D 71 -22.98 11.88 27.96
N ILE D 72 -23.62 11.04 27.15
CA ILE D 72 -23.52 11.08 25.70
C ILE D 72 -24.93 11.19 25.15
N LEU D 73 -25.20 12.26 24.42
CA LEU D 73 -26.49 12.52 23.85
C LEU D 73 -26.39 12.47 22.33
N ILE D 74 -26.99 11.46 21.73
CA ILE D 74 -26.95 11.23 20.30
C ILE D 74 -28.23 11.73 19.70
N HIS D 75 -28.18 12.32 18.50
CA HIS D 75 -29.37 12.73 17.81
C HIS D 75 -30.31 11.52 17.65
N ASN D 76 -31.56 11.71 18.07
CA ASN D 76 -32.57 10.67 18.12
CA ASN D 76 -32.52 10.62 18.14
C ASN D 76 -32.86 10.13 16.73
N ASN D 77 -32.62 10.96 15.71
CA ASN D 77 -32.99 10.60 14.34
C ASN D 77 -31.74 10.52 13.47
N TYR D 78 -30.60 10.18 14.08
CA TYR D 78 -29.42 9.81 13.31
C TYR D 78 -29.75 8.59 12.46
N LYS D 79 -29.49 8.70 11.14
CA LYS D 79 -29.73 7.62 10.20
C LYS D 79 -28.42 7.23 9.59
N SER D 80 -27.86 6.08 9.97
CA SER D 80 -26.49 5.80 9.58
C SER D 80 -26.41 5.48 8.08
N ALA D 81 -27.50 4.97 7.48
CA ALA D 81 -27.51 4.60 6.06
C ALA D 81 -27.27 5.79 5.13
N THR D 82 -27.84 6.94 5.48
CA THR D 82 -27.73 8.13 4.67
C THR D 82 -26.83 9.18 5.35
N HIS D 83 -26.35 8.85 6.55
CA HIS D 83 -25.52 9.74 7.35
C HIS D 83 -26.31 10.96 7.84
N GLU D 84 -27.65 10.92 7.84
CA GLU D 84 -28.40 12.12 8.21
CA GLU D 84 -28.42 12.09 8.21
C GLU D 84 -28.39 12.32 9.73
N ASN D 85 -28.29 13.60 10.14
CA ASN D 85 -28.36 13.99 11.54
C ASN D 85 -27.19 13.36 12.31
N ASP D 86 -26.00 13.42 11.72
CA ASP D 86 -24.81 12.86 12.33
C ASP D 86 -24.24 13.87 13.33
N ILE D 87 -24.84 13.88 14.52
CA ILE D 87 -24.46 14.88 15.52
C ILE D 87 -24.73 14.30 16.92
N ALA D 88 -23.86 14.66 17.86
CA ALA D 88 -23.93 14.19 19.24
C ALA D 88 -23.26 15.21 20.15
N LEU D 89 -23.64 15.16 21.42
CA LEU D 89 -23.09 16.01 22.46
C LEU D 89 -22.54 15.13 23.56
N VAL D 90 -21.38 15.55 24.05
CA VAL D 90 -20.75 14.89 25.17
C VAL D 90 -20.73 15.89 26.33
N ARG D 91 -21.28 15.45 27.48
CA ARG D 91 -21.29 16.26 28.68
C ARG D 91 -20.16 15.78 29.58
N LEU D 92 -19.25 16.68 29.96
CA LEU D 92 -18.19 16.34 30.86
C LEU D 92 -18.69 16.22 32.29
N GLU D 93 -17.98 15.41 33.07
CA GLU D 93 -18.29 15.26 34.49
C GLU D 93 -18.05 16.58 35.24
N ASN D 94 -16.95 17.24 34.87
CA ASN D 94 -16.54 18.48 35.53
C ASN D 94 -16.37 19.59 34.49
N SER D 95 -16.71 20.82 34.87
CA SER D 95 -16.40 21.99 34.06
C SER D 95 -14.91 22.19 33.91
N VAL D 96 -14.46 22.41 32.67
CA VAL D 96 -13.07 22.66 32.35
C VAL D 96 -12.73 24.12 32.68
N THR D 97 -11.57 24.34 33.26
CA THR D 97 -11.03 25.69 33.43
C THR D 97 -10.33 26.11 32.13
N PHE D 98 -10.87 27.13 31.50
CA PHE D 98 -10.37 27.58 30.21
C PHE D 98 -9.13 28.44 30.34
N THR D 99 -8.26 28.30 29.35
CA THR D 99 -7.00 28.99 29.18
C THR D 99 -6.86 29.41 27.72
N LYS D 100 -5.74 30.06 27.36
CA LYS D 100 -5.44 30.36 25.98
C LYS D 100 -5.48 29.10 25.14
N ASP D 101 -5.02 27.98 25.68
CA ASP D 101 -4.80 26.76 24.90
C ASP D 101 -6.01 25.82 24.96
N ILE D 102 -6.95 26.05 25.89
CA ILE D 102 -8.15 25.23 26.00
C ILE D 102 -9.35 26.13 26.23
N HIS D 103 -10.24 26.24 25.24
CA HIS D 103 -11.44 27.02 25.40
C HIS D 103 -12.36 26.76 24.22
N SER D 104 -13.53 27.40 24.20
CA SER D 104 -14.59 27.01 23.30
C SER D 104 -14.50 27.76 21.96
N VAL D 105 -15.05 27.11 20.95
CA VAL D 105 -15.30 27.68 19.64
C VAL D 105 -16.71 28.28 19.67
N CYS D 106 -16.97 29.29 18.80
CA CYS D 106 -18.29 29.86 18.71
C CYS D 106 -19.21 28.99 17.86
N LEU D 107 -20.50 28.93 18.20
CA LEU D 107 -21.48 28.36 17.31
C LEU D 107 -21.81 29.40 16.24
N PRO D 108 -22.14 28.96 15.02
CA PRO D 108 -22.55 29.86 13.95
C PRO D 108 -23.94 30.43 14.30
N ALA D 109 -24.22 31.61 13.75
CA ALA D 109 -25.57 32.14 13.74
C ALA D 109 -26.42 31.32 12.76
N ALA D 110 -27.73 31.27 12.97
CA ALA D 110 -28.61 30.56 12.03
C ALA D 110 -28.41 31.08 10.60
N THR D 111 -28.13 32.38 10.48
CA THR D 111 -27.92 33.06 9.21
C THR D 111 -26.43 33.26 8.92
N GLN D 112 -25.56 32.45 9.52
CA GLN D 112 -24.12 32.58 9.31
C GLN D 112 -23.83 32.66 7.80
N ASN D 113 -22.98 33.61 7.41
CA ASN D 113 -22.53 33.74 6.05
C ASN D 113 -21.42 32.75 5.76
N ILE D 114 -21.74 31.72 4.95
CA ILE D 114 -20.78 30.65 4.63
C ILE D 114 -20.82 30.47 3.12
N PRO D 115 -20.20 31.39 2.36
CA PRO D 115 -20.29 31.34 0.92
C PRO D 115 -19.43 30.25 0.30
N PRO D 116 -19.85 29.72 -0.86
CA PRO D 116 -19.02 28.78 -1.62
C PRO D 116 -17.64 29.41 -1.85
N GLY D 117 -16.60 28.58 -1.69
CA GLY D 117 -15.24 28.99 -1.92
C GLY D 117 -14.57 29.56 -0.66
N SER D 118 -15.33 29.85 0.40
CA SER D 118 -14.78 30.48 1.57
C SER D 118 -13.88 29.49 2.31
N THR D 119 -12.82 30.05 2.92
CA THR D 119 -11.81 29.26 3.58
C THR D 119 -12.34 28.65 4.87
N ALA D 120 -12.00 27.39 5.08
CA ALA D 120 -12.29 26.70 6.33
C ALA D 120 -11.12 25.80 6.66
N TYR D 121 -11.03 25.39 7.92
CA TYR D 121 -9.97 24.54 8.40
C TYR D 121 -10.59 23.34 9.12
N VAL D 122 -10.05 22.18 8.81
CA VAL D 122 -10.48 20.93 9.44
C VAL D 122 -9.28 20.38 10.20
N THR D 123 -9.53 19.86 11.41
CA THR D 123 -8.47 19.43 12.31
C THR D 123 -8.79 18.06 12.89
N GLY D 124 -7.73 17.28 13.13
CA GLY D 124 -7.91 15.99 13.78
C GLY D 124 -6.67 15.12 13.75
N TRP D 125 -6.82 13.94 14.36
CA TRP D 125 -5.80 12.93 14.48
C TRP D 125 -6.08 11.76 13.55
N GLY D 126 -6.93 11.99 12.53
CA GLY D 126 -7.25 10.95 11.59
C GLY D 126 -6.07 10.60 10.67
N ALA D 127 -6.31 9.57 9.87
CA ALA D 127 -5.30 9.07 8.94
C ALA D 127 -4.91 10.08 7.86
N GLN D 128 -3.72 9.87 7.29
CA GLN D 128 -3.21 10.68 6.21
C GLN D 128 -3.53 10.11 4.84
N GLU D 129 -4.20 8.96 4.82
CA GLU D 129 -4.68 8.30 3.61
C GLU D 129 -5.91 7.48 4.00
N TYR D 130 -6.76 7.20 3.02
CA TYR D 130 -8.01 6.50 3.27
C TYR D 130 -7.79 5.21 4.06
N ALA D 131 -8.51 5.11 5.20
CA ALA D 131 -8.57 3.94 6.06
C ALA D 131 -7.18 3.59 6.61
N GLY D 132 -6.26 4.55 6.64
CA GLY D 132 -4.94 4.34 7.22
C GLY D 132 -4.96 4.52 8.74
N HIS D 133 -3.77 4.56 9.34
CA HIS D 133 -3.67 4.65 10.78
C HIS D 133 -3.91 6.08 11.23
N THR D 134 -4.52 6.20 12.40
CA THR D 134 -4.56 7.46 13.11
C THR D 134 -3.16 7.86 13.53
N VAL D 135 -3.00 9.17 13.81
CA VAL D 135 -1.70 9.74 14.11
C VAL D 135 -1.73 10.34 15.50
N PRO D 136 -0.60 10.37 16.23
CA PRO D 136 -0.61 10.86 17.61
C PRO D 136 -0.58 12.38 17.76
N GLU D 137 -0.18 13.10 16.69
CA GLU D 137 -0.13 14.55 16.76
C GLU D 137 -1.17 15.17 15.85
N LEU D 138 -1.84 16.18 16.41
CA LEU D 138 -2.93 16.85 15.72
C LEU D 138 -2.47 17.46 14.43
N ARG D 139 -3.31 17.33 13.39
CA ARG D 139 -3.06 17.94 12.09
C ARG D 139 -4.19 18.90 11.75
N GLN D 140 -3.89 19.76 10.78
CA GLN D 140 -4.83 20.73 10.26
C GLN D 140 -4.73 20.79 8.74
N GLY D 141 -5.86 21.03 8.10
CA GLY D 141 -5.92 21.20 6.67
C GLY D 141 -6.80 22.42 6.33
N GLN D 142 -6.36 23.15 5.30
CA GLN D 142 -7.11 24.29 4.81
C GLN D 142 -7.90 23.87 3.56
N VAL D 143 -9.22 24.00 3.67
CA VAL D 143 -10.13 23.62 2.62
C VAL D 143 -11.04 24.79 2.26
N ARG D 144 -11.99 24.56 1.35
CA ARG D 144 -12.92 25.59 0.88
C ARG D 144 -14.31 25.00 0.92
N ILE D 145 -15.28 25.85 1.27
CA ILE D 145 -16.68 25.42 1.21
C ILE D 145 -17.08 25.16 -0.23
N ILE D 146 -17.84 24.08 -0.45
CA ILE D 146 -18.42 23.74 -1.74
C ILE D 146 -19.92 23.67 -1.55
N SER D 147 -20.72 24.36 -2.41
CA SER D 147 -22.16 24.39 -2.23
C SER D 147 -22.75 22.98 -2.26
N ASN D 148 -23.88 22.79 -1.61
CA ASN D 148 -24.59 21.53 -1.67
C ASN D 148 -24.92 21.20 -3.12
N ASP D 149 -25.34 22.21 -3.91
CA ASP D 149 -25.69 21.93 -5.29
C ASP D 149 -24.51 21.38 -6.06
N VAL D 150 -23.32 21.96 -5.89
CA VAL D 150 -22.14 21.50 -6.59
C VAL D 150 -21.71 20.14 -6.07
N CYS D 151 -21.82 19.97 -4.75
CA CYS D 151 -21.45 18.72 -4.09
C CYS D 151 -22.34 17.57 -4.58
N ASN D 152 -23.56 17.91 -4.97
CA ASN D 152 -24.55 16.95 -5.45
C ASN D 152 -24.46 16.72 -6.97
N ALA D 153 -23.46 17.25 -7.64
CA ALA D 153 -23.29 16.99 -9.07
C ALA D 153 -23.18 15.49 -9.28
N PRO D 154 -23.61 14.97 -10.44
CA PRO D 154 -23.54 13.52 -10.70
C PRO D 154 -22.17 12.89 -10.53
N HIS D 155 -21.10 13.62 -10.88
CA HIS D 155 -19.75 13.08 -10.77
C HIS D 155 -19.22 13.21 -9.35
N SER D 156 -20.00 13.88 -8.48
CA SER D 156 -19.65 13.98 -7.07
C SER D 156 -20.63 13.10 -6.29
N TYR D 157 -21.48 13.65 -5.41
CA TYR D 157 -22.30 12.78 -4.58
C TYR D 157 -23.72 12.56 -5.11
N ASN D 158 -24.07 13.21 -6.24
CA ASN D 158 -25.24 12.79 -7.01
C ASN D 158 -26.50 12.72 -6.15
N GLY D 159 -26.77 13.78 -5.36
CA GLY D 159 -28.01 13.88 -4.61
C GLY D 159 -27.94 13.40 -3.15
N ALA D 160 -26.79 12.83 -2.73
CA ALA D 160 -26.69 12.29 -1.38
C ALA D 160 -26.43 13.35 -0.30
N ILE D 161 -26.14 14.57 -0.74
CA ILE D 161 -25.90 15.65 0.21
C ILE D 161 -27.23 16.30 0.57
N LEU D 162 -27.62 16.16 1.84
CA LEU D 162 -28.91 16.63 2.31
C LEU D 162 -28.75 17.97 3.02
N SER D 163 -29.88 18.59 3.38
CA SER D 163 -29.84 20.01 3.77
C SER D 163 -29.07 20.22 5.07
N GLY D 164 -28.98 19.20 5.93
CA GLY D 164 -28.25 19.30 7.18
C GLY D 164 -26.77 18.95 7.05
N MET D 165 -26.29 18.83 5.82
CA MET D 165 -24.90 18.54 5.50
C MET D 165 -24.29 19.72 4.75
N LEU D 166 -22.94 19.74 4.74
CA LEU D 166 -22.14 20.72 4.05
C LEU D 166 -20.89 20.02 3.50
N CYS D 167 -20.39 20.48 2.35
CA CYS D 167 -19.18 19.91 1.79
C CYS D 167 -18.03 20.91 1.83
N ALA D 168 -16.83 20.37 1.92
CA ALA D 168 -15.62 21.19 1.89
C ALA D 168 -14.46 20.34 1.39
N GLY D 169 -13.61 20.99 0.60
CA GLY D 169 -12.44 20.33 0.06
C GLY D 169 -11.69 21.33 -0.83
N VAL D 170 -10.81 20.79 -1.68
CA VAL D 170 -10.06 21.65 -2.57
C VAL D 170 -10.24 21.13 -3.98
N PRO D 171 -10.21 22.02 -5.00
CA PRO D 171 -10.51 21.63 -6.38
C PRO D 171 -9.65 20.48 -6.90
N GLN D 172 -8.37 20.47 -6.53
CA GLN D 172 -7.45 19.47 -7.02
C GLN D 172 -7.51 18.19 -6.16
N GLY D 173 -8.37 18.16 -5.14
CA GLY D 173 -8.32 17.15 -4.11
C GLY D 173 -7.04 17.29 -3.31
N GLY D 174 -6.80 16.32 -2.43
CA GLY D 174 -5.52 16.19 -1.75
C GLY D 174 -5.48 16.88 -0.38
N VAL D 175 -6.57 17.51 0.05
CA VAL D 175 -6.68 18.00 1.42
C VAL D 175 -8.07 17.59 1.89
N ASP D 176 -8.16 16.90 3.03
CA ASP D 176 -9.46 16.39 3.44
C ASP D 176 -9.37 15.81 4.83
N ALA D 177 -10.52 15.65 5.47
CA ALA D 177 -10.67 14.78 6.63
C ALA D 177 -10.59 13.31 6.20
N CYS D 178 -10.23 12.45 7.14
CA CYS D 178 -10.07 11.03 6.86
C CYS D 178 -10.46 10.23 8.09
N GLN D 179 -10.34 8.90 8.03
CA GLN D 179 -10.81 8.06 9.12
C GLN D 179 -10.08 8.43 10.41
N GLY D 180 -10.85 8.63 11.47
CA GLY D 180 -10.31 9.06 12.74
C GLY D 180 -10.53 10.55 12.99
N ASP D 181 -10.97 11.27 11.95
CA ASP D 181 -11.29 12.69 12.09
C ASP D 181 -12.77 12.93 12.40
N SER D 182 -13.64 11.90 12.24
CA SER D 182 -15.06 12.00 12.51
C SER D 182 -15.30 12.73 13.82
N GLY D 183 -16.25 13.67 13.83
CA GLY D 183 -16.64 14.36 15.05
C GLY D 183 -15.90 15.68 15.25
N GLY D 184 -14.73 15.80 14.63
CA GLY D 184 -13.93 17.02 14.77
C GLY D 184 -14.52 18.18 13.97
N PRO D 185 -13.99 19.39 14.18
CA PRO D 185 -14.56 20.59 13.59
C PRO D 185 -14.05 20.91 12.19
N LEU D 186 -14.95 21.60 11.50
CA LEU D 186 -14.61 22.44 10.36
C LEU D 186 -14.93 23.87 10.79
N VAL D 187 -13.88 24.70 10.84
CA VAL D 187 -14.04 26.04 11.40
C VAL D 187 -13.77 27.09 10.33
N GLN D 188 -14.32 28.25 10.60
CA GLN D 188 -14.03 29.45 9.83
C GLN D 188 -13.73 30.57 10.80
N GLU D 189 -12.88 31.51 10.32
CA GLU D 189 -12.58 32.70 11.08
C GLU D 189 -13.20 33.90 10.36
N ASP D 190 -13.83 34.81 11.10
CA ASP D 190 -14.38 35.99 10.45
C ASP D 190 -13.29 37.05 10.36
N SER D 191 -13.70 38.20 9.80
CA SER D 191 -12.73 39.27 9.55
C SER D 191 -12.21 39.89 10.84
N ARG D 192 -12.87 39.64 11.97
CA ARG D 192 -12.47 40.15 13.27
C ARG D 192 -11.75 39.08 14.09
N ARG D 193 -11.41 37.96 13.44
CA ARG D 193 -10.62 36.88 14.05
C ARG D 193 -11.44 36.12 15.09
N LEU D 194 -12.74 36.08 14.91
CA LEU D 194 -13.59 35.21 15.75
C LEU D 194 -13.81 33.89 15.00
N TRP D 195 -13.59 32.78 15.69
CA TRP D 195 -13.64 31.45 15.12
C TRP D 195 -14.97 30.76 15.45
N PHE D 196 -15.55 30.20 14.41
CA PHE D 196 -16.86 29.55 14.46
C PHE D 196 -16.74 28.13 13.90
N ILE D 197 -17.48 27.20 14.52
CA ILE D 197 -17.60 25.87 13.96
C ILE D 197 -18.79 25.83 12.98
N VAL D 198 -18.50 25.52 11.71
CA VAL D 198 -19.54 25.47 10.70
C VAL D 198 -19.91 24.03 10.33
N GLY D 199 -18.99 23.11 10.58
CA GLY D 199 -19.20 21.72 10.23
C GLY D 199 -18.64 20.79 11.29
N ILE D 200 -19.16 19.55 11.25
CA ILE D 200 -18.61 18.43 12.02
C ILE D 200 -18.24 17.33 11.04
N VAL D 201 -16.99 16.87 11.11
CA VAL D 201 -16.51 15.84 10.21
C VAL D 201 -17.45 14.64 10.25
N SER D 202 -17.87 14.16 9.08
CA SER D 202 -18.91 13.13 9.02
C SER D 202 -18.51 11.97 8.11
N TRP D 203 -18.49 12.19 6.79
CA TRP D 203 -18.27 11.10 5.86
C TRP D 203 -17.75 11.62 4.54
N GLY D 204 -17.34 10.67 3.69
CA GLY D 204 -16.94 11.02 2.33
C GLY D 204 -16.56 9.75 1.59
N ASP D 205 -16.47 9.85 0.26
CA ASP D 205 -16.02 8.72 -0.54
C ASP D 205 -14.51 8.72 -0.54
N GLN D 206 -13.92 7.79 0.21
CA GLN D 206 -12.50 7.76 0.48
C GLN D 206 -12.09 9.12 1.05
N CYS D 207 -10.89 9.57 0.76
CA CYS D 207 -10.36 10.82 1.31
C CYS D 207 -9.56 11.53 0.23
N GLY D 208 -9.82 12.83 0.11
CA GLY D 208 -9.00 13.70 -0.72
C GLY D 208 -9.25 13.55 -2.21
N LEU D 209 -10.30 12.84 -2.64
CA LEU D 209 -10.55 12.74 -4.09
C LEU D 209 -11.07 14.07 -4.62
N PRO D 210 -10.60 14.55 -5.80
CA PRO D 210 -11.04 15.87 -6.29
C PRO D 210 -12.56 15.99 -6.44
N ASP D 211 -13.20 14.93 -6.95
CA ASP D 211 -14.63 15.03 -7.17
C ASP D 211 -15.44 14.66 -5.94
N LYS D 212 -14.78 14.29 -4.82
CA LYS D 212 -15.49 13.75 -3.66
C LYS D 212 -15.01 14.50 -2.43
N PRO D 213 -15.45 15.75 -2.24
CA PRO D 213 -15.06 16.50 -1.05
C PRO D 213 -15.59 15.81 0.21
N GLY D 214 -15.03 16.21 1.33
CA GLY D 214 -15.51 15.73 2.62
C GLY D 214 -16.89 16.31 2.90
N VAL D 215 -17.71 15.47 3.54
CA VAL D 215 -19.04 15.82 3.93
C VAL D 215 -19.08 15.96 5.47
N TYR D 216 -19.75 17.02 5.87
CA TYR D 216 -19.79 17.46 7.26
C TYR D 216 -21.24 17.66 7.66
N THR D 217 -21.52 17.50 8.93
CA THR D 217 -22.79 17.98 9.49
C THR D 217 -22.77 19.51 9.53
N ARG D 218 -23.83 20.12 9.01
CA ARG D 218 -23.98 21.58 8.94
C ARG D 218 -24.51 22.09 10.27
N VAL D 219 -23.64 22.74 11.05
CA VAL D 219 -23.97 23.07 12.42
C VAL D 219 -25.19 24.00 12.48
N THR D 220 -25.30 24.96 11.53
CA THR D 220 -26.44 25.89 11.61
C THR D 220 -27.78 25.14 11.63
N ALA D 221 -27.83 23.94 11.02
CA ALA D 221 -29.08 23.20 10.91
C ALA D 221 -29.50 22.57 12.24
N TYR D 222 -28.64 22.61 13.27
CA TYR D 222 -28.83 21.89 14.51
C TYR D 222 -28.72 22.81 15.72
N LEU D 223 -28.82 24.12 15.52
CA LEU D 223 -28.72 25.04 16.65
C LEU D 223 -29.87 24.83 17.65
N ASP D 224 -31.08 24.60 17.14
CA ASP D 224 -32.21 24.34 18.01
C ASP D 224 -31.99 23.05 18.80
N TRP D 225 -31.51 22.02 18.12
CA TRP D 225 -31.23 20.75 18.75
C TRP D 225 -30.19 20.92 19.85
N ILE D 226 -29.12 21.68 19.59
CA ILE D 226 -28.09 21.91 20.58
C ILE D 226 -28.67 22.61 21.82
N ARG D 227 -29.50 23.62 21.61
CA ARG D 227 -30.12 24.34 22.72
CA ARG D 227 -30.12 24.34 22.72
CA ARG D 227 -30.12 24.34 22.72
C ARG D 227 -31.02 23.39 23.53
N GLN D 228 -31.82 22.59 22.82
CA GLN D 228 -32.75 21.66 23.45
CA GLN D 228 -32.75 21.64 23.43
C GLN D 228 -31.99 20.64 24.29
N GLN D 229 -30.90 20.06 23.76
CA GLN D 229 -30.22 19.00 24.45
C GLN D 229 -29.36 19.52 25.60
N THR D 230 -28.72 20.69 25.42
CA THR D 230 -27.85 21.21 26.45
C THR D 230 -28.62 22.01 27.49
N GLY D 231 -29.79 22.49 27.12
CA GLY D 231 -30.52 23.41 28.00
C GLY D 231 -29.85 24.78 28.14
N ILE D 232 -28.97 25.14 27.18
CA ILE D 232 -28.28 26.42 27.16
C ILE D 232 -28.84 27.22 25.99
N GLU D 233 -29.25 28.45 26.25
CA GLU D 233 -29.63 29.36 25.19
C GLU D 233 -28.38 30.09 24.71
N PHE D 234 -27.67 29.49 23.76
CA PHE D 234 -26.57 30.15 23.09
C PHE D 234 -27.17 31.31 22.27
N VAL D 235 -26.53 32.46 22.26
CA VAL D 235 -27.09 33.61 21.54
C VAL D 235 -26.25 33.86 20.29
N GLU D 236 -26.67 34.81 19.45
CA GLU D 236 -25.93 35.15 18.22
C GLU D 236 -25.40 36.59 18.30
N ASN E 126 19.85 -26.28 -13.57
CA ASN E 126 20.13 -27.43 -14.48
C ASN E 126 18.79 -28.01 -14.94
N TRP E 127 18.54 -27.88 -16.24
CA TRP E 127 17.26 -28.25 -16.83
C TRP E 127 17.13 -29.78 -16.87
N LEU E 128 18.27 -30.49 -16.79
CA LEU E 128 18.29 -31.94 -16.83
C LEU E 128 17.71 -32.52 -15.54
N ILE E 129 17.90 -31.79 -14.43
CA ILE E 129 17.52 -32.22 -13.09
C ILE E 129 16.19 -31.58 -12.67
N ASN E 130 15.70 -30.58 -13.45
CA ASN E 130 14.58 -29.76 -13.07
C ASN E 130 13.48 -29.82 -14.13
N GLU E 131 12.29 -30.26 -13.72
CA GLU E 131 11.16 -30.47 -14.62
C GLU E 131 10.70 -29.15 -15.26
N CYS E 132 10.86 -28.04 -14.56
CA CYS E 132 10.57 -26.73 -15.11
C CYS E 132 11.54 -25.75 -14.47
N GLY E 133 11.67 -24.57 -15.10
CA GLY E 133 12.17 -23.40 -14.42
C GLY E 133 13.68 -23.14 -14.53
N ALA E 134 14.46 -24.01 -15.17
CA ALA E 134 15.87 -23.71 -15.37
C ALA E 134 16.00 -22.53 -16.31
N GLY E 135 16.71 -21.49 -15.87
CA GLY E 135 16.73 -20.26 -16.62
C GLY E 135 18.11 -19.62 -16.61
N PRO E 136 18.18 -18.31 -16.91
CA PRO E 136 19.47 -17.66 -17.11
C PRO E 136 20.17 -17.30 -15.81
N ASP E 137 21.45 -16.93 -15.99
CA ASP E 137 22.34 -16.56 -14.90
C ASP E 137 22.09 -15.09 -14.58
N LEU E 138 20.88 -14.85 -14.08
CA LEU E 138 20.41 -13.53 -13.69
C LEU E 138 19.68 -13.73 -12.37
N ILE E 139 19.71 -12.68 -11.54
CA ILE E 139 19.04 -12.64 -10.24
C ILE E 139 18.08 -11.44 -10.27
N THR E 140 16.97 -11.55 -9.56
CA THR E 140 16.04 -10.44 -9.43
C THR E 140 16.21 -9.92 -8.01
N ASP E 141 17.24 -9.10 -7.81
CA ASP E 141 17.47 -8.51 -6.51
C ASP E 141 16.53 -7.32 -6.35
N ASP E 142 15.99 -7.11 -5.13
CA ASP E 142 15.02 -6.06 -4.91
C ASP E 142 15.63 -4.79 -4.28
N ASP E 143 16.91 -4.84 -3.96
CA ASP E 143 17.48 -3.88 -3.00
C ASP E 143 18.20 -2.70 -3.66
N ASP E 144 18.46 -2.75 -4.98
CA ASP E 144 19.14 -1.64 -5.59
C ASP E 144 18.29 -0.38 -5.55
N LYS E 145 18.95 0.78 -5.37
CA LYS E 145 18.26 2.07 -5.30
C LYS E 145 18.11 2.72 -6.68
N ILE F 1 8.99 -4.47 -25.93
CA ILE F 1 9.58 -4.04 -24.62
C ILE F 1 10.18 -2.66 -24.82
N LEU F 2 9.73 -1.71 -23.98
CA LEU F 2 10.28 -0.37 -23.90
C LEU F 2 11.32 -0.37 -22.79
N GLY F 3 12.51 0.22 -23.05
CA GLY F 3 13.50 0.37 -22.01
C GLY F 3 14.18 -0.93 -21.61
N GLY F 4 14.14 -1.91 -22.52
CA GLY F 4 14.82 -3.16 -22.22
C GLY F 4 16.12 -3.28 -23.00
N THR F 5 16.64 -4.50 -22.94
CA THR F 5 17.88 -4.83 -23.60
CA THR F 5 17.92 -4.88 -23.50
C THR F 5 17.66 -6.10 -24.40
N GLU F 6 18.55 -6.35 -25.36
CA GLU F 6 18.44 -7.57 -26.13
C GLU F 6 18.66 -8.79 -25.23
N ALA F 7 17.91 -9.85 -25.54
CA ALA F 7 18.14 -11.16 -24.96
C ALA F 7 19.08 -11.97 -25.85
N GLU F 8 19.77 -12.94 -25.26
CA GLU F 8 20.65 -13.86 -25.96
CA GLU F 8 20.62 -13.85 -26.01
C GLU F 8 19.90 -15.18 -26.23
N GLU F 9 20.26 -15.85 -27.31
CA GLU F 9 19.73 -17.17 -27.59
CA GLU F 9 19.75 -17.18 -27.61
C GLU F 9 19.91 -18.07 -26.38
N GLY F 10 18.82 -18.76 -25.99
CA GLY F 10 18.84 -19.69 -24.86
C GLY F 10 18.58 -19.09 -23.48
N SER F 11 18.60 -17.75 -23.34
CA SER F 11 18.38 -17.14 -22.04
C SER F 11 17.02 -17.47 -21.45
N TRP F 12 15.97 -17.42 -22.28
CA TRP F 12 14.60 -17.57 -21.78
C TRP F 12 13.96 -18.77 -22.49
N PRO F 13 14.23 -19.99 -22.02
CA PRO F 13 13.95 -21.19 -22.80
C PRO F 13 12.48 -21.45 -23.04
N TRP F 14 11.62 -20.86 -22.21
CA TRP F 14 10.18 -21.03 -22.32
C TRP F 14 9.53 -20.06 -23.29
N GLN F 15 10.23 -18.97 -23.65
CA GLN F 15 9.60 -17.93 -24.45
C GLN F 15 9.32 -18.47 -25.86
N VAL F 16 8.09 -18.28 -26.31
CA VAL F 16 7.71 -18.54 -27.69
C VAL F 16 7.06 -17.31 -28.28
N SER F 17 7.18 -17.24 -29.61
CA SER F 17 6.45 -16.30 -30.45
C SER F 17 5.24 -17.02 -31.03
N LEU F 18 4.08 -16.38 -30.92
CA LEU F 18 2.87 -16.90 -31.56
C LEU F 18 2.64 -16.07 -32.81
N ARG F 19 2.75 -16.74 -33.95
CA ARG F 19 2.64 -16.15 -35.27
C ARG F 19 1.26 -16.41 -35.85
N LEU F 20 0.60 -15.34 -36.24
CA LEU F 20 -0.69 -15.39 -36.89
C LEU F 20 -0.46 -15.12 -38.37
N ASN F 21 -0.80 -16.14 -39.18
CA ASN F 21 -0.58 -16.04 -40.63
C ASN F 21 0.85 -15.55 -40.95
N ASN F 22 1.81 -16.16 -40.28
CA ASN F 22 3.23 -15.96 -40.57
C ASN F 22 3.74 -14.56 -40.17
N ALA F 23 3.11 -13.92 -39.19
CA ALA F 23 3.63 -12.70 -38.59
C ALA F 23 3.56 -12.83 -37.06
N HIS F 24 4.65 -12.48 -36.36
CA HIS F 24 4.62 -12.44 -34.91
C HIS F 24 3.42 -11.61 -34.48
N HIS F 25 2.63 -12.15 -33.55
CA HIS F 25 1.48 -11.45 -33.04
C HIS F 25 1.53 -11.27 -31.52
N CYS F 26 1.88 -12.34 -30.83
N CYS F 26 1.90 -12.35 -30.86
CA CYS F 26 1.81 -12.42 -29.37
CA CYS F 26 1.97 -12.30 -29.39
C CYS F 26 3.00 -13.21 -28.86
C CYS F 26 3.02 -13.25 -28.83
N GLY F 27 3.34 -13.01 -27.57
CA GLY F 27 4.21 -13.94 -26.86
C GLY F 27 3.44 -15.02 -26.15
N GLY F 28 4.19 -16.01 -25.67
CA GLY F 28 3.67 -17.03 -24.79
C GLY F 28 4.82 -17.76 -24.11
N SER F 29 4.45 -18.62 -23.17
CA SER F 29 5.42 -19.40 -22.40
C SER F 29 5.07 -20.88 -22.41
N LEU F 30 6.05 -21.72 -22.72
CA LEU F 30 5.88 -23.14 -22.51
C LEU F 30 5.74 -23.45 -21.02
N ILE F 31 4.66 -24.14 -20.65
CA ILE F 31 4.46 -24.59 -19.27
C ILE F 31 4.58 -26.11 -19.16
N ASN F 32 4.59 -26.79 -20.30
CA ASN F 32 5.07 -28.17 -20.39
C ASN F 32 5.31 -28.46 -21.87
N ASN F 33 5.56 -29.73 -22.24
CA ASN F 33 5.97 -29.98 -23.61
C ASN F 33 4.80 -29.98 -24.60
N MET F 34 3.57 -29.70 -24.17
CA MET F 34 2.39 -29.66 -25.02
C MET F 34 1.60 -28.36 -24.93
N TRP F 35 1.91 -27.50 -23.94
CA TRP F 35 1.05 -26.37 -23.63
C TRP F 35 1.84 -25.07 -23.51
N ILE F 36 1.27 -24.03 -24.12
CA ILE F 36 1.74 -22.66 -24.03
C ILE F 36 0.67 -21.82 -23.32
N LEU F 37 1.12 -21.02 -22.34
CA LEU F 37 0.30 -20.09 -21.59
C LEU F 37 0.47 -18.70 -22.19
N THR F 38 -0.64 -18.02 -22.46
CA THR F 38 -0.65 -16.75 -23.15
C THR F 38 -1.90 -15.96 -22.76
N ALA F 39 -2.19 -14.90 -23.53
CA ALA F 39 -3.28 -13.98 -23.24
C ALA F 39 -4.46 -14.31 -24.17
N ALA F 40 -5.68 -14.21 -23.62
CA ALA F 40 -6.89 -14.36 -24.45
C ALA F 40 -6.97 -13.31 -25.56
N HIS F 41 -6.50 -12.08 -25.32
CA HIS F 41 -6.60 -11.02 -26.29
C HIS F 41 -5.94 -11.38 -27.63
N CYS F 42 -4.93 -12.24 -27.58
N CYS F 42 -4.97 -12.26 -27.57
CA CYS F 42 -4.23 -12.67 -28.79
CA CYS F 42 -4.24 -12.62 -28.81
C CYS F 42 -5.20 -13.19 -29.83
C CYS F 42 -5.18 -13.27 -29.83
N PHE F 43 -6.31 -13.79 -29.37
CA PHE F 43 -7.22 -14.57 -30.23
C PHE F 43 -8.55 -13.85 -30.43
N ARG F 44 -8.59 -12.54 -30.17
CA ARG F 44 -9.84 -11.79 -30.19
C ARG F 44 -10.46 -11.83 -31.58
N SER F 45 -9.65 -11.84 -32.62
CA SER F 45 -10.17 -11.87 -33.98
CA SER F 45 -10.16 -11.88 -33.99
C SER F 45 -10.00 -13.25 -34.59
N ASN F 46 -8.90 -13.95 -34.29
CA ASN F 46 -8.59 -15.21 -34.95
C ASN F 46 -8.21 -16.26 -33.89
N SER F 47 -9.10 -17.25 -33.72
CA SER F 47 -8.86 -18.35 -32.81
C SER F 47 -8.85 -19.66 -33.58
N ASN F 48 -8.46 -19.59 -34.88
CA ASN F 48 -8.34 -20.75 -35.73
C ASN F 48 -6.96 -21.37 -35.57
N PRO F 49 -6.80 -22.55 -34.92
CA PRO F 49 -5.46 -23.08 -34.70
C PRO F 49 -4.64 -23.29 -35.96
N ARG F 50 -5.31 -23.51 -37.11
CA ARG F 50 -4.59 -23.69 -38.37
C ARG F 50 -3.76 -22.46 -38.75
N ASP F 51 -4.15 -21.29 -38.24
CA ASP F 51 -3.60 -20.01 -38.66
C ASP F 51 -2.47 -19.56 -37.75
N TRP F 52 -2.18 -20.32 -36.73
CA TRP F 52 -1.16 -20.00 -35.74
C TRP F 52 -0.01 -21.02 -35.74
N ILE F 53 1.20 -20.47 -35.51
CA ILE F 53 2.40 -21.27 -35.36
C ILE F 53 3.14 -20.71 -34.15
N ALA F 54 3.68 -21.60 -33.31
CA ALA F 54 4.55 -21.16 -32.23
C ALA F 54 5.99 -21.36 -32.62
N THR F 55 6.85 -20.38 -32.27
CA THR F 55 8.25 -20.55 -32.58
C THR F 55 9.09 -20.34 -31.34
N SER F 56 10.25 -21.03 -31.37
CA SER F 56 11.32 -20.86 -30.41
CA SER F 56 11.33 -20.85 -30.41
C SER F 56 12.56 -20.36 -31.13
N GLY F 57 13.36 -19.57 -30.41
CA GLY F 57 14.53 -18.90 -30.95
C GLY F 57 14.42 -17.39 -30.73
N ILE F 58 15.55 -16.68 -30.61
CA ILE F 58 15.37 -15.26 -30.28
C ILE F 58 14.93 -14.45 -31.49
N SER F 59 15.03 -14.99 -32.72
CA SER F 59 14.61 -14.25 -33.89
C SER F 59 13.25 -14.71 -34.42
N THR F 60 12.36 -13.75 -34.70
CA THR F 60 11.12 -14.08 -35.39
C THR F 60 11.35 -14.07 -36.90
N THR F 61 12.50 -13.58 -37.35
CA THR F 61 12.83 -13.58 -38.76
C THR F 61 13.32 -14.98 -39.14
N PHE F 62 14.24 -15.55 -38.35
CA PHE F 62 14.76 -16.88 -38.54
C PHE F 62 14.70 -17.63 -37.23
N PRO F 63 13.50 -18.16 -36.90
CA PRO F 63 13.35 -19.00 -35.71
C PRO F 63 14.14 -20.29 -35.74
N LYS F 64 14.40 -20.86 -34.57
CA LYS F 64 15.09 -22.13 -34.45
C LYS F 64 14.12 -23.29 -34.63
N LEU F 65 12.86 -23.11 -34.20
CA LEU F 65 11.91 -24.20 -34.21
C LEU F 65 10.52 -23.61 -34.46
N ARG F 66 9.78 -24.25 -35.38
CA ARG F 66 8.39 -23.94 -35.64
CA ARG F 66 8.40 -23.94 -35.67
C ARG F 66 7.54 -25.11 -35.17
N MET F 67 6.44 -24.79 -34.50
CA MET F 67 5.56 -25.77 -33.89
C MET F 67 4.12 -25.50 -34.34
N ARG F 68 3.48 -26.52 -34.91
CA ARG F 68 2.06 -26.41 -35.22
CA ARG F 68 2.06 -26.46 -35.21
C ARG F 68 1.21 -26.45 -33.95
N VAL F 69 0.05 -25.81 -34.05
CA VAL F 69 -0.90 -25.63 -32.98
C VAL F 69 -2.15 -26.47 -33.29
N ARG F 70 -2.64 -27.17 -32.29
CA ARG F 70 -3.80 -28.05 -32.40
C ARG F 70 -5.08 -27.36 -31.91
N ASN F 71 -5.00 -26.68 -30.77
CA ASN F 71 -6.18 -26.09 -30.14
C ASN F 71 -5.80 -24.80 -29.45
N ILE F 72 -6.79 -23.91 -29.40
CA ILE F 72 -6.67 -22.65 -28.70
C ILE F 72 -7.85 -22.56 -27.73
N LEU F 73 -7.56 -22.26 -26.46
N LEU F 73 -7.54 -22.32 -26.45
CA LEU F 73 -8.59 -22.22 -25.44
CA LEU F 73 -8.46 -22.22 -25.32
C LEU F 73 -8.48 -20.92 -24.66
C LEU F 73 -8.42 -20.79 -24.82
N ILE F 74 -9.55 -20.11 -24.70
CA ILE F 74 -9.57 -18.87 -23.95
C ILE F 74 -10.41 -19.08 -22.69
N HIS F 75 -10.07 -18.28 -21.67
CA HIS F 75 -10.88 -18.28 -20.46
C HIS F 75 -12.33 -17.98 -20.83
N ASN F 76 -13.25 -18.77 -20.26
CA ASN F 76 -14.66 -18.66 -20.60
CA ASN F 76 -14.68 -18.69 -20.52
C ASN F 76 -15.23 -17.31 -20.15
N ASN F 77 -14.58 -16.64 -19.19
CA ASN F 77 -15.08 -15.37 -18.70
CA ASN F 77 -15.07 -15.37 -18.68
C ASN F 77 -14.14 -14.22 -19.08
N TYR F 78 -13.35 -14.40 -20.16
CA TYR F 78 -12.61 -13.27 -20.71
C TYR F 78 -13.56 -12.16 -21.11
N LYS F 79 -13.32 -10.96 -20.61
CA LYS F 79 -14.09 -9.76 -20.94
C LYS F 79 -13.15 -8.74 -21.54
N SER F 80 -13.22 -8.55 -22.87
CA SER F 80 -12.22 -7.74 -23.52
C SER F 80 -12.27 -6.27 -23.10
N ALA F 81 -13.46 -5.70 -22.80
CA ALA F 81 -13.52 -4.25 -22.60
C ALA F 81 -12.82 -3.82 -21.31
N THR F 82 -12.84 -4.69 -20.30
CA THR F 82 -12.23 -4.44 -19.02
C THR F 82 -10.94 -5.27 -18.84
N HIS F 83 -10.61 -6.08 -19.85
CA HIS F 83 -9.43 -6.93 -19.85
C HIS F 83 -9.45 -7.99 -18.76
N GLU F 84 -10.63 -8.35 -18.26
CA GLU F 84 -10.72 -9.29 -17.16
CA GLU F 84 -10.74 -9.29 -17.16
C GLU F 84 -10.52 -10.71 -17.67
N ASN F 85 -9.77 -11.51 -16.91
CA ASN F 85 -9.52 -12.92 -17.20
C ASN F 85 -8.83 -13.07 -18.57
N ASP F 86 -7.80 -12.25 -18.78
CA ASP F 86 -7.07 -12.26 -20.05
C ASP F 86 -6.03 -13.36 -20.04
N ILE F 87 -6.47 -14.57 -20.28
CA ILE F 87 -5.60 -15.74 -20.19
C ILE F 87 -6.13 -16.79 -21.18
N ALA F 88 -5.18 -17.51 -21.78
CA ALA F 88 -5.48 -18.50 -22.81
C ALA F 88 -4.39 -19.54 -22.80
N LEU F 89 -4.74 -20.69 -23.38
CA LEU F 89 -3.84 -21.80 -23.52
C LEU F 89 -3.81 -22.25 -24.97
N VAL F 90 -2.60 -22.59 -25.40
CA VAL F 90 -2.38 -23.08 -26.74
C VAL F 90 -1.84 -24.50 -26.62
N ARG F 91 -2.53 -25.44 -27.29
CA ARG F 91 -2.10 -26.84 -27.29
C ARG F 91 -1.33 -27.11 -28.57
N LEU F 92 -0.09 -27.61 -28.44
CA LEU F 92 0.70 -27.94 -29.61
C LEU F 92 0.20 -29.24 -30.25
N GLU F 93 0.41 -29.37 -31.55
CA GLU F 93 0.04 -30.57 -32.27
CA GLU F 93 0.04 -30.57 -32.29
C GLU F 93 0.90 -31.75 -31.81
N ASN F 94 2.19 -31.49 -31.59
CA ASN F 94 3.14 -32.53 -31.20
C ASN F 94 3.83 -32.07 -29.92
N SER F 95 4.20 -33.03 -29.07
CA SER F 95 5.07 -32.73 -27.93
C SER F 95 6.42 -32.17 -28.39
N VAL F 96 6.82 -31.06 -27.75
CA VAL F 96 8.12 -30.47 -27.98
C VAL F 96 9.19 -31.33 -27.31
N THR F 97 10.29 -31.58 -28.03
CA THR F 97 11.44 -32.18 -27.40
C THR F 97 12.22 -31.09 -26.67
N PHE F 98 12.24 -31.18 -25.34
CA PHE F 98 12.91 -30.17 -24.54
C PHE F 98 14.42 -30.35 -24.60
N THR F 99 15.10 -29.20 -24.54
CA THR F 99 16.55 -29.07 -24.55
C THR F 99 16.91 -28.00 -23.52
N LYS F 100 18.22 -27.73 -23.38
CA LYS F 100 18.70 -26.63 -22.58
C LYS F 100 18.04 -25.32 -23.03
N ASP F 101 17.84 -25.15 -24.34
CA ASP F 101 17.43 -23.87 -24.87
C ASP F 101 15.92 -23.77 -25.07
N ILE F 102 15.19 -24.90 -24.97
CA ILE F 102 13.74 -24.90 -25.13
C ILE F 102 13.15 -25.82 -24.07
N HIS F 103 12.50 -25.23 -23.07
CA HIS F 103 11.85 -26.00 -22.03
C HIS F 103 10.93 -25.07 -21.23
N SER F 104 10.29 -25.60 -20.18
CA SER F 104 9.19 -24.91 -19.56
C SER F 104 9.63 -24.01 -18.40
N VAL F 105 8.78 -23.02 -18.14
CA VAL F 105 8.83 -22.20 -16.93
C VAL F 105 7.96 -22.90 -15.88
N CYS F 106 8.23 -22.64 -14.60
CA CYS F 106 7.40 -23.18 -13.53
C CYS F 106 6.18 -22.32 -13.32
N LEU F 107 5.07 -22.98 -12.96
CA LEU F 107 3.93 -22.26 -12.43
C LEU F 107 4.20 -21.90 -10.99
N PRO F 108 3.71 -20.72 -10.54
CA PRO F 108 3.92 -20.33 -9.16
C PRO F 108 3.08 -21.19 -8.22
N ALA F 109 3.53 -21.32 -6.98
CA ALA F 109 2.67 -21.85 -5.92
C ALA F 109 1.59 -20.82 -5.59
N ALA F 110 0.43 -21.23 -5.06
CA ALA F 110 -0.60 -20.28 -4.73
C ALA F 110 -0.06 -19.20 -3.77
N THR F 111 0.87 -19.62 -2.90
CA THR F 111 1.50 -18.75 -1.92
C THR F 111 2.91 -18.32 -2.36
N GLN F 112 3.16 -18.30 -3.67
CA GLN F 112 4.39 -17.72 -4.20
C GLN F 112 4.59 -16.33 -3.60
N ASN F 113 5.82 -16.06 -3.16
CA ASN F 113 6.20 -14.77 -2.62
C ASN F 113 6.40 -13.76 -3.76
N ILE F 114 5.45 -12.82 -3.89
CA ILE F 114 5.48 -11.82 -4.96
C ILE F 114 5.20 -10.46 -4.36
N PRO F 115 6.18 -9.92 -3.59
CA PRO F 115 5.93 -8.70 -2.84
C PRO F 115 5.93 -7.46 -3.69
N PRO F 116 5.19 -6.41 -3.26
CA PRO F 116 5.28 -5.09 -3.91
C PRO F 116 6.74 -4.64 -3.91
N GLY F 117 7.15 -4.13 -5.06
CA GLY F 117 8.50 -3.63 -5.22
C GLY F 117 9.46 -4.67 -5.73
N SER F 118 9.07 -5.95 -5.79
CA SER F 118 10.02 -6.99 -6.14
C SER F 118 10.32 -6.94 -7.64
N THR F 119 11.58 -7.15 -7.99
CA THR F 119 12.00 -7.07 -9.37
C THR F 119 11.60 -8.36 -10.09
N ALA F 120 11.31 -8.19 -11.38
CA ALA F 120 10.90 -9.28 -12.24
C ALA F 120 11.40 -8.97 -13.65
N TYR F 121 11.47 -10.00 -14.51
CA TYR F 121 11.79 -9.77 -15.92
C TYR F 121 10.54 -10.00 -16.78
N VAL F 122 10.39 -9.15 -17.78
CA VAL F 122 9.36 -9.32 -18.81
C VAL F 122 10.10 -9.41 -20.15
N THR F 123 9.63 -10.33 -21.01
CA THR F 123 10.33 -10.59 -22.26
C THR F 123 9.34 -10.57 -23.43
N GLY F 124 9.85 -10.17 -24.59
CA GLY F 124 9.04 -10.24 -25.79
C GLY F 124 9.65 -9.50 -26.97
N TRP F 125 8.91 -9.61 -28.07
CA TRP F 125 9.26 -8.98 -29.35
C TRP F 125 8.39 -7.78 -29.63
N GLY F 126 7.78 -7.22 -28.60
CA GLY F 126 6.96 -6.06 -28.78
C GLY F 126 7.73 -4.79 -29.12
N ALA F 127 6.98 -3.74 -29.42
CA ALA F 127 7.53 -2.45 -29.77
C ALA F 127 8.34 -1.83 -28.65
N GLN F 128 9.22 -0.91 -29.06
CA GLN F 128 10.06 -0.15 -28.15
C GLN F 128 9.44 1.21 -27.81
N GLU F 129 8.29 1.49 -28.41
CA GLU F 129 7.51 2.70 -28.15
C GLU F 129 6.05 2.35 -28.45
N TYR F 130 5.10 3.11 -27.88
N TYR F 130 5.14 3.12 -27.83
CA TYR F 130 3.68 2.79 -27.95
CA TYR F 130 3.71 2.91 -27.95
C TYR F 130 3.20 2.58 -29.40
C TYR F 130 3.28 2.78 -29.41
N ALA F 131 3.50 3.54 -30.25
N ALA F 131 2.57 1.68 -29.73
CA ALA F 131 2.98 3.51 -31.61
CA ALA F 131 1.92 1.42 -31.01
C ALA F 131 4.02 2.89 -32.54
C ALA F 131 2.95 1.28 -32.13
N GLY F 132 4.77 1.88 -32.04
N GLY F 132 4.19 0.99 -31.77
CA GLY F 132 5.84 1.26 -32.80
CA GLY F 132 5.29 0.99 -32.73
C GLY F 132 5.57 -0.15 -33.34
C GLY F 132 5.41 -0.36 -33.40
N HIS F 133 6.48 -0.57 -34.19
CA HIS F 133 6.58 -1.88 -34.78
C HIS F 133 7.20 -2.84 -33.78
N THR F 134 6.84 -4.11 -33.96
CA THR F 134 7.50 -5.19 -33.27
C THR F 134 8.99 -5.17 -33.65
N VAL F 135 9.77 -5.91 -32.88
CA VAL F 135 11.20 -6.06 -33.11
C VAL F 135 11.46 -7.50 -33.50
N PRO F 136 12.53 -7.70 -34.33
CA PRO F 136 12.82 -9.04 -34.82
C PRO F 136 13.47 -9.96 -33.81
N GLU F 137 14.15 -9.40 -32.79
CA GLU F 137 14.89 -10.22 -31.86
C GLU F 137 14.44 -9.91 -30.43
N LEU F 138 14.35 -10.98 -29.65
CA LEU F 138 13.76 -10.95 -28.32
C LEU F 138 14.48 -9.92 -27.42
N ARG F 139 13.68 -9.20 -26.63
CA ARG F 139 14.17 -8.26 -25.63
C ARG F 139 13.66 -8.64 -24.24
N GLN F 140 14.35 -8.10 -23.24
CA GLN F 140 14.05 -8.32 -21.83
C GLN F 140 14.09 -6.97 -21.11
N GLY F 141 13.21 -6.82 -20.16
CA GLY F 141 13.15 -5.61 -19.33
C GLY F 141 12.99 -6.03 -17.86
N GLN F 142 13.61 -5.29 -16.96
CA GLN F 142 13.49 -5.54 -15.55
CA GLN F 142 13.48 -5.55 -15.54
C GLN F 142 12.56 -4.49 -14.96
N VAL F 143 11.47 -4.94 -14.34
CA VAL F 143 10.49 -4.07 -13.76
C VAL F 143 10.28 -4.44 -12.29
N ARG F 144 9.50 -3.64 -11.57
CA ARG F 144 9.11 -4.00 -10.20
C ARG F 144 7.59 -4.20 -10.14
N ILE F 145 7.17 -5.16 -9.34
CA ILE F 145 5.77 -5.32 -8.99
C ILE F 145 5.30 -4.04 -8.29
N ILE F 146 4.12 -3.57 -8.68
CA ILE F 146 3.47 -2.41 -8.09
C ILE F 146 2.15 -2.91 -7.53
N SER F 147 1.92 -2.68 -6.23
CA SER F 147 0.71 -3.13 -5.54
CA SER F 147 0.71 -3.15 -5.55
C SER F 147 -0.55 -2.71 -6.30
N ASN F 148 -1.58 -3.58 -6.29
CA ASN F 148 -2.83 -3.24 -6.95
C ASN F 148 -3.41 -1.95 -6.38
N ASP F 149 -3.30 -1.77 -5.07
CA ASP F 149 -3.74 -0.60 -4.32
CA ASP F 149 -3.96 -0.57 -4.56
C ASP F 149 -3.20 0.68 -5.02
N VAL F 150 -1.88 0.67 -5.22
CA VAL F 150 -1.15 1.81 -5.77
C VAL F 150 -1.50 1.98 -7.25
N CYS F 151 -1.59 0.86 -7.96
CA CYS F 151 -1.91 0.86 -9.38
C CYS F 151 -3.30 1.43 -9.62
N ASN F 152 -4.18 1.30 -8.61
CA ASN F 152 -5.55 1.80 -8.69
C ASN F 152 -5.68 3.23 -8.20
N ALA F 153 -4.58 3.94 -7.91
CA ALA F 153 -4.64 5.35 -7.55
C ALA F 153 -5.40 6.12 -8.62
N PRO F 154 -6.08 7.24 -8.25
CA PRO F 154 -6.88 7.97 -9.23
C PRO F 154 -6.13 8.47 -10.45
N HIS F 155 -4.87 8.85 -10.27
CA HIS F 155 -4.04 9.34 -11.37
C HIS F 155 -3.44 8.18 -12.17
N SER F 156 -3.65 6.94 -11.69
CA SER F 156 -3.22 5.76 -12.40
CA SER F 156 -3.22 5.75 -12.39
C SER F 156 -4.45 5.09 -12.99
N TYR F 157 -4.80 3.85 -12.57
CA TYR F 157 -5.90 3.18 -13.25
C TYR F 157 -7.24 3.32 -12.53
N ASN F 158 -7.24 3.98 -11.35
CA ASN F 158 -8.49 4.46 -10.77
C ASN F 158 -9.54 3.34 -10.66
N GLY F 159 -9.15 2.18 -10.14
CA GLY F 159 -10.09 1.10 -9.86
C GLY F 159 -10.18 0.03 -10.93
N ALA F 160 -9.49 0.20 -12.07
CA ALA F 160 -9.62 -0.76 -13.18
C ALA F 160 -8.76 -2.02 -12.97
N ILE F 161 -7.90 -2.01 -11.94
CA ILE F 161 -7.07 -3.16 -11.67
C ILE F 161 -7.81 -4.09 -10.73
N LEU F 162 -8.18 -5.26 -11.21
CA LEU F 162 -8.93 -6.25 -10.48
C LEU F 162 -8.03 -7.32 -9.85
N SER F 163 -8.62 -8.21 -9.04
CA SER F 163 -7.84 -9.12 -8.23
C SER F 163 -7.03 -10.11 -9.08
N GLY F 164 -7.49 -10.41 -10.30
CA GLY F 164 -6.76 -11.35 -11.13
C GLY F 164 -5.72 -10.66 -12.01
N MET F 165 -5.42 -9.40 -11.71
CA MET F 165 -4.42 -8.62 -12.40
C MET F 165 -3.31 -8.22 -11.41
N LEU F 166 -2.16 -7.88 -11.99
CA LEU F 166 -1.09 -7.22 -11.25
C LEU F 166 -0.45 -6.17 -12.15
N CYS F 167 0.22 -5.21 -11.52
CA CYS F 167 0.92 -4.17 -12.25
C CYS F 167 2.41 -4.27 -12.02
N ALA F 168 3.18 -3.81 -13.00
CA ALA F 168 4.61 -3.78 -12.89
C ALA F 168 5.16 -2.67 -13.78
N GLY F 169 6.21 -2.01 -13.26
CA GLY F 169 6.90 -0.95 -13.96
C GLY F 169 8.06 -0.48 -13.08
N VAL F 170 8.70 0.63 -13.44
CA VAL F 170 9.84 1.07 -12.65
C VAL F 170 9.53 2.44 -12.07
N PRO F 171 10.17 2.77 -10.89
CA PRO F 171 9.90 4.05 -10.22
C PRO F 171 10.08 5.26 -11.13
N GLN F 172 11.08 5.18 -12.03
CA GLN F 172 11.44 6.27 -12.90
CA GLN F 172 11.39 6.30 -12.88
C GLN F 172 10.53 6.30 -14.14
N GLY F 173 9.69 5.26 -14.36
CA GLY F 173 9.01 5.09 -15.66
C GLY F 173 9.99 4.65 -16.74
N GLY F 174 9.48 4.33 -17.95
CA GLY F 174 10.33 4.10 -19.12
C GLY F 174 10.81 2.66 -19.33
N VAL F 175 10.28 1.71 -18.56
CA VAL F 175 10.51 0.31 -18.82
C VAL F 175 9.14 -0.38 -18.77
N ASP F 176 8.76 -1.07 -19.84
CA ASP F 176 7.42 -1.63 -19.86
C ASP F 176 7.30 -2.62 -21.01
N ALA F 177 6.26 -3.44 -20.95
CA ALA F 177 5.80 -4.17 -22.11
C ALA F 177 5.09 -3.21 -23.04
N CYS F 178 4.98 -3.59 -24.31
CA CYS F 178 4.38 -2.71 -25.31
C CYS F 178 3.73 -3.60 -26.38
N GLN F 179 3.13 -2.97 -27.40
CA GLN F 179 2.35 -3.73 -28.36
C GLN F 179 3.19 -4.82 -29.02
N GLY F 180 2.67 -6.03 -29.01
CA GLY F 180 3.41 -7.19 -29.49
C GLY F 180 3.99 -8.05 -28.38
N ASP F 181 3.97 -7.54 -27.15
CA ASP F 181 4.38 -8.29 -25.98
C ASP F 181 3.26 -9.11 -25.32
N SER F 182 1.99 -8.76 -25.60
CA SER F 182 0.84 -9.46 -25.06
C SER F 182 1.06 -10.96 -25.04
N GLY F 183 0.74 -11.58 -23.89
CA GLY F 183 0.80 -13.02 -23.78
C GLY F 183 2.12 -13.54 -23.26
N GLY F 184 3.18 -12.73 -23.33
CA GLY F 184 4.47 -13.12 -22.85
C GLY F 184 4.54 -13.07 -21.32
N PRO F 185 5.65 -13.59 -20.78
CA PRO F 185 5.79 -13.79 -19.34
C PRO F 185 6.40 -12.62 -18.62
N LEU F 186 6.00 -12.54 -17.35
CA LEU F 186 6.69 -11.77 -16.31
C LEU F 186 7.15 -12.81 -15.29
N VAL F 187 8.46 -12.90 -15.07
CA VAL F 187 9.04 -14.01 -14.36
C VAL F 187 9.90 -13.54 -13.18
N GLN F 188 9.90 -14.39 -12.16
CA GLN F 188 10.77 -14.20 -11.01
C GLN F 188 11.35 -15.55 -10.61
N GLU F 189 12.59 -15.56 -10.10
CA GLU F 189 13.20 -16.81 -9.68
C GLU F 189 13.28 -16.89 -8.16
N ASP F 190 13.28 -18.12 -7.66
CA ASP F 190 13.34 -18.38 -6.23
C ASP F 190 14.78 -18.58 -5.77
N SER F 191 14.94 -19.01 -4.50
CA SER F 191 16.27 -19.17 -3.92
C SER F 191 17.02 -20.35 -4.51
N ARG F 192 16.35 -21.24 -5.26
CA ARG F 192 17.00 -22.35 -5.93
C ARG F 192 17.29 -22.01 -7.40
N ARG F 193 17.00 -20.76 -7.79
CA ARG F 193 17.21 -20.23 -9.13
C ARG F 193 16.27 -20.93 -10.13
N LEU F 194 15.11 -21.38 -9.65
CA LEU F 194 14.03 -21.83 -10.51
C LEU F 194 13.16 -20.62 -10.82
N TRP F 195 12.80 -20.48 -12.10
CA TRP F 195 12.00 -19.38 -12.60
C TRP F 195 10.53 -19.75 -12.69
N PHE F 196 9.72 -18.82 -12.24
CA PHE F 196 8.27 -18.93 -12.18
C PHE F 196 7.63 -17.80 -12.95
N ILE F 197 6.53 -18.15 -13.64
CA ILE F 197 5.74 -17.13 -14.32
C ILE F 197 4.71 -16.57 -13.36
N VAL F 198 4.86 -15.29 -13.01
CA VAL F 198 3.95 -14.62 -12.09
C VAL F 198 2.95 -13.73 -12.80
N GLY F 199 3.26 -13.35 -14.06
CA GLY F 199 2.36 -12.51 -14.80
C GLY F 199 2.36 -12.87 -16.28
N ILE F 200 1.27 -12.49 -16.94
CA ILE F 200 1.15 -12.57 -18.39
C ILE F 200 0.87 -11.17 -18.89
N VAL F 201 1.67 -10.70 -19.85
CA VAL F 201 1.51 -9.35 -20.39
C VAL F 201 0.09 -9.18 -20.89
N SER F 202 -0.59 -8.09 -20.49
CA SER F 202 -2.00 -7.95 -20.83
C SER F 202 -2.33 -6.58 -21.46
N TRP F 203 -2.26 -5.49 -20.71
CA TRP F 203 -2.70 -4.19 -21.20
C TRP F 203 -2.05 -3.07 -20.42
N GLY F 204 -2.28 -1.84 -20.89
CA GLY F 204 -1.86 -0.66 -20.19
C GLY F 204 -2.24 0.59 -20.96
N ASP F 205 -2.13 1.74 -20.31
CA ASP F 205 -2.34 2.99 -21.02
C ASP F 205 -1.02 3.39 -21.67
N GLN F 206 -0.95 3.23 -23.01
CA GLN F 206 0.30 3.45 -23.74
C GLN F 206 1.38 2.57 -23.09
N CYS F 207 2.63 3.02 -23.12
CA CYS F 207 3.74 2.21 -22.63
C CYS F 207 4.74 3.08 -21.90
N GLY F 208 5.18 2.61 -20.72
CA GLY F 208 6.31 3.21 -20.02
C GLY F 208 5.97 4.54 -19.34
N LEU F 209 4.70 4.96 -19.28
CA LEU F 209 4.34 6.17 -18.54
C LEU F 209 4.47 5.93 -17.05
N PRO F 210 5.07 6.85 -16.26
CA PRO F 210 5.27 6.59 -14.83
C PRO F 210 3.96 6.32 -14.07
N ASP F 211 2.89 7.03 -14.45
CA ASP F 211 1.65 6.85 -13.72
C ASP F 211 0.82 5.68 -14.26
N LYS F 212 1.27 5.03 -15.33
CA LYS F 212 0.46 4.01 -15.97
C LYS F 212 1.33 2.78 -16.20
N PRO F 213 1.64 2.03 -15.13
CA PRO F 213 2.44 0.82 -15.30
C PRO F 213 1.71 -0.21 -16.16
N GLY F 214 2.48 -1.17 -16.65
CA GLY F 214 1.90 -2.28 -17.38
C GLY F 214 1.06 -3.16 -16.47
N VAL F 215 -0.03 -3.68 -17.04
CA VAL F 215 -0.95 -4.56 -16.36
C VAL F 215 -0.83 -5.96 -16.95
N TYR F 216 -0.80 -6.91 -16.05
CA TYR F 216 -0.55 -8.31 -16.31
C TYR F 216 -1.67 -9.13 -15.72
N THR F 217 -1.93 -10.29 -16.32
CA THR F 217 -2.74 -11.29 -15.66
C THR F 217 -1.91 -11.93 -14.55
N ARG F 218 -2.50 -12.01 -13.36
CA ARG F 218 -1.86 -12.54 -12.18
C ARG F 218 -1.97 -14.06 -12.19
N VAL F 219 -0.89 -14.77 -12.45
CA VAL F 219 -0.97 -16.19 -12.73
C VAL F 219 -1.46 -16.94 -11.51
N THR F 220 -1.06 -16.52 -10.29
CA THR F 220 -1.51 -17.25 -9.11
C THR F 220 -3.03 -17.31 -9.05
N ALA F 221 -3.73 -16.32 -9.60
CA ALA F 221 -5.20 -16.27 -9.56
C ALA F 221 -5.85 -17.32 -10.47
N TYR F 222 -5.08 -17.97 -11.36
CA TYR F 222 -5.63 -18.85 -12.38
C TYR F 222 -4.99 -20.23 -12.29
N LEU F 223 -4.36 -20.60 -11.18
CA LEU F 223 -3.72 -21.87 -11.07
C LEU F 223 -4.75 -22.99 -11.18
N ASP F 224 -5.90 -22.84 -10.54
CA ASP F 224 -6.93 -23.87 -10.63
C ASP F 224 -7.39 -24.03 -12.08
N TRP F 225 -7.64 -22.91 -12.76
CA TRP F 225 -8.03 -22.92 -14.16
C TRP F 225 -7.00 -23.63 -15.00
N ILE F 226 -5.71 -23.30 -14.82
CA ILE F 226 -4.66 -23.92 -15.59
C ILE F 226 -4.61 -25.41 -15.35
N ARG F 227 -4.70 -25.80 -14.09
CA ARG F 227 -4.69 -27.26 -13.74
CA ARG F 227 -4.71 -27.26 -13.77
C ARG F 227 -5.91 -28.02 -14.38
N GLN F 228 -7.06 -27.36 -14.29
CA GLN F 228 -8.29 -27.94 -14.84
C GLN F 228 -8.12 -28.15 -16.34
N GLN F 229 -7.60 -27.13 -17.04
CA GLN F 229 -7.54 -27.17 -18.49
C GLN F 229 -6.44 -28.09 -18.98
N THR F 230 -5.30 -28.23 -18.23
CA THR F 230 -4.12 -28.89 -18.75
C THR F 230 -3.62 -30.09 -17.94
N GLY F 231 -3.99 -30.20 -16.66
CA GLY F 231 -3.35 -31.15 -15.75
C GLY F 231 -2.06 -30.64 -15.08
N ILE F 232 -1.57 -29.44 -15.43
CA ILE F 232 -0.27 -28.98 -14.91
C ILE F 232 -0.45 -28.20 -13.60
N GLU F 233 0.44 -28.42 -12.62
CA GLU F 233 0.44 -27.62 -11.39
C GLU F 233 1.86 -27.35 -10.90
N PHE F 234 1.97 -26.54 -9.84
CA PHE F 234 3.23 -26.30 -9.13
C PHE F 234 4.13 -27.54 -9.17
N ALA G 125 39.62 25.58 -3.12
CA ALA G 125 38.37 25.12 -3.77
C ALA G 125 37.91 26.14 -4.80
N ASN G 126 38.87 26.73 -5.52
CA ASN G 126 38.54 27.69 -6.54
C ASN G 126 38.10 26.97 -7.83
N TRP G 127 36.78 26.93 -8.10
CA TRP G 127 36.29 26.23 -9.29
C TRP G 127 36.74 26.92 -10.57
N LEU G 128 37.20 28.19 -10.49
CA LEU G 128 37.67 28.89 -11.69
C LEU G 128 38.88 28.20 -12.30
N ILE G 129 39.69 27.51 -11.47
CA ILE G 129 40.83 26.75 -11.97
C ILE G 129 40.54 25.26 -11.79
N ASN G 130 39.24 24.94 -11.79
CA ASN G 130 38.68 23.60 -11.79
C ASN G 130 39.01 22.85 -10.51
N GLU G 131 39.27 23.59 -9.40
CA GLU G 131 39.51 22.97 -8.11
C GLU G 131 38.18 22.53 -7.50
N CYS G 132 38.22 21.39 -6.81
CA CYS G 132 37.01 20.77 -6.31
C CYS G 132 36.64 21.25 -4.91
N GLY G 133 35.38 20.97 -4.53
CA GLY G 133 35.06 20.88 -3.11
C GLY G 133 34.36 22.09 -2.48
N ALA G 134 34.14 23.17 -3.22
CA ALA G 134 33.41 24.29 -2.65
C ALA G 134 31.93 23.94 -2.52
N GLY G 135 31.36 24.17 -1.34
CA GLY G 135 29.96 23.91 -1.14
C GLY G 135 29.26 25.19 -0.73
N PRO G 136 28.06 25.07 -0.14
CA PRO G 136 27.27 26.28 0.18
C PRO G 136 27.88 27.18 1.25
N ASP G 137 28.81 26.62 2.03
CA ASP G 137 29.37 27.34 3.16
C ASP G 137 30.79 27.83 2.88
N LEU G 138 31.20 27.80 1.60
CA LEU G 138 32.52 28.28 1.23
C LEU G 138 32.79 29.67 1.81
N ILE G 139 33.97 29.86 2.41
CA ILE G 139 34.33 31.16 2.95
C ILE G 139 35.22 31.80 1.88
N THR G 140 34.75 32.94 1.38
CA THR G 140 35.49 33.67 0.36
C THR G 140 36.09 34.97 0.95
N ASP G 141 35.71 35.31 2.19
CA ASP G 141 35.89 36.65 2.74
C ASP G 141 37.33 36.98 3.07
N ASP G 142 38.24 36.00 3.08
CA ASP G 142 39.64 36.27 3.44
C ASP G 142 40.30 37.23 2.44
N ASP G 143 39.84 37.15 1.18
CA ASP G 143 40.38 37.96 0.12
C ASP G 143 39.70 39.32 0.06
N ASP G 144 38.51 39.48 0.61
CA ASP G 144 37.86 40.78 0.59
C ASP G 144 38.58 41.72 1.53
N LYS G 145 38.65 43.01 1.15
CA LYS G 145 39.36 44.00 1.97
C LYS G 145 38.36 44.65 2.95
N ILE H 1 14.94 10.25 -1.99
CA ILE H 1 15.34 10.47 -0.57
C ILE H 1 14.09 10.41 0.30
N LEU H 2 14.17 9.61 1.36
CA LEU H 2 13.14 9.51 2.38
C LEU H 2 13.58 10.38 3.54
N GLY H 3 12.64 11.16 4.09
CA GLY H 3 12.91 11.93 5.29
C GLY H 3 13.85 13.11 5.08
N GLY H 4 13.91 13.58 3.84
CA GLY H 4 14.75 14.69 3.51
C GLY H 4 13.97 15.96 3.30
N THR H 5 14.70 16.98 2.88
CA THR H 5 14.14 18.28 2.61
C THR H 5 14.54 18.70 1.20
N GLU H 6 13.77 19.61 0.61
CA GLU H 6 14.13 20.14 -0.69
C GLU H 6 15.43 20.93 -0.60
N ALA H 7 16.35 20.65 -1.52
CA ALA H 7 17.61 21.34 -1.62
C ALA H 7 17.46 22.74 -2.22
N GLU H 8 18.31 23.66 -1.78
CA GLU H 8 18.37 24.98 -2.41
C GLU H 8 19.37 24.96 -3.56
N GLU H 9 19.13 25.79 -4.57
CA GLU H 9 20.05 25.98 -5.67
C GLU H 9 21.41 26.37 -5.11
N GLY H 10 22.48 25.72 -5.62
CA GLY H 10 23.83 25.99 -5.17
C GLY H 10 24.29 25.20 -3.95
N SER H 11 23.39 24.45 -3.28
CA SER H 11 23.82 23.67 -2.12
C SER H 11 24.75 22.56 -2.57
N TRP H 12 24.40 21.92 -3.68
CA TRP H 12 25.06 20.69 -4.10
C TRP H 12 25.54 20.81 -5.53
N PRO H 13 26.60 21.61 -5.75
CA PRO H 13 26.95 22.03 -7.12
C PRO H 13 27.43 20.89 -8.03
N TRP H 14 27.81 19.78 -7.43
CA TRP H 14 28.30 18.60 -8.16
C TRP H 14 27.18 17.67 -8.58
N GLN H 15 25.99 17.81 -7.99
CA GLN H 15 24.90 16.86 -8.24
C GLN H 15 24.43 16.98 -9.68
N VAL H 16 24.35 15.83 -10.35
CA VAL H 16 23.73 15.74 -11.66
C VAL H 16 22.66 14.65 -11.62
N SER H 17 21.71 14.83 -12.54
CA SER H 17 20.72 13.82 -12.90
C SER H 17 21.20 13.14 -14.19
N LEU H 18 21.21 11.82 -14.20
CA LEU H 18 21.48 11.05 -15.40
C LEU H 18 20.15 10.56 -15.95
N ARG H 19 19.81 11.03 -17.15
CA ARG H 19 18.53 10.77 -17.79
C ARG H 19 18.74 9.70 -18.85
N LEU H 20 17.93 8.63 -18.77
CA LEU H 20 17.90 7.58 -19.76
C LEU H 20 16.55 7.67 -20.47
N ASN H 21 16.59 7.78 -21.81
CA ASN H 21 15.35 7.83 -22.59
C ASN H 21 14.45 8.97 -22.09
N ASN H 22 15.08 10.12 -21.82
CA ASN H 22 14.38 11.34 -21.45
C ASN H 22 13.56 11.18 -20.16
N ALA H 23 14.10 10.45 -19.19
CA ALA H 23 13.58 10.47 -17.83
C ALA H 23 14.77 10.39 -16.87
N HIS H 24 14.66 11.05 -15.74
CA HIS H 24 15.61 10.86 -14.65
C HIS H 24 15.73 9.37 -14.37
N HIS H 25 16.94 8.85 -14.28
CA HIS H 25 17.19 7.47 -13.93
C HIS H 25 18.07 7.32 -12.69
N CYS H 26 19.18 8.08 -12.64
N CYS H 26 19.15 8.09 -12.68
CA CYS H 26 20.18 7.89 -11.62
CA CYS H 26 20.06 7.96 -11.53
C CYS H 26 20.73 9.25 -11.24
C CYS H 26 20.80 9.25 -11.25
N GLY H 27 21.32 9.31 -10.04
CA GLY H 27 22.15 10.46 -9.70
C GLY H 27 23.59 10.24 -10.12
N GLY H 28 24.38 11.29 -10.00
CA GLY H 28 25.81 11.24 -10.18
C GLY H 28 26.43 12.53 -9.61
N SER H 29 27.77 12.53 -9.59
CA SER H 29 28.52 13.67 -9.07
C SER H 29 29.59 14.07 -10.08
N LEU H 30 29.67 15.37 -10.41
CA LEU H 30 30.84 15.86 -11.14
C LEU H 30 32.08 15.72 -10.26
N ILE H 31 33.12 15.06 -10.77
CA ILE H 31 34.41 14.97 -10.10
C ILE H 31 35.49 15.72 -10.90
N ASN H 32 35.10 16.20 -12.07
CA ASN H 32 35.95 16.97 -12.96
C ASN H 32 35.04 17.64 -13.96
N ASN H 33 35.57 18.54 -14.80
CA ASN H 33 34.74 19.24 -15.78
CA ASN H 33 34.72 19.23 -15.76
C ASN H 33 34.22 18.32 -16.89
N MET H 34 34.80 17.12 -17.03
CA MET H 34 34.35 16.16 -18.04
C MET H 34 33.93 14.81 -17.48
N TRP H 35 33.92 14.62 -16.13
CA TRP H 35 33.70 13.29 -15.58
C TRP H 35 32.66 13.33 -14.47
N ILE H 36 31.73 12.36 -14.54
CA ILE H 36 30.71 12.13 -13.53
C ILE H 36 30.95 10.76 -12.91
N LEU H 37 30.92 10.69 -11.58
CA LEU H 37 31.05 9.44 -10.84
C LEU H 37 29.66 8.99 -10.41
N THR H 38 29.36 7.72 -10.65
CA THR H 38 28.01 7.18 -10.43
C THR H 38 28.12 5.69 -10.15
N ALA H 39 26.97 5.00 -10.21
CA ALA H 39 26.87 3.58 -9.89
C ALA H 39 26.81 2.77 -11.19
N ALA H 40 27.46 1.61 -11.16
CA ALA H 40 27.34 0.65 -12.26
C ALA H 40 25.91 0.20 -12.51
N HIS H 41 25.11 0.06 -11.43
CA HIS H 41 23.73 -0.41 -11.58
C HIS H 41 22.91 0.41 -12.56
N CYS H 42 23.22 1.70 -12.66
CA CYS H 42 22.53 2.64 -13.53
C CYS H 42 22.47 2.11 -14.95
N PHE H 43 23.49 1.37 -15.35
CA PHE H 43 23.69 1.00 -16.76
C PHE H 43 23.39 -0.47 -17.01
N ARG H 44 22.65 -1.11 -16.11
CA ARG H 44 22.35 -2.54 -16.23
CA ARG H 44 22.41 -2.54 -16.27
C ARG H 44 21.58 -2.83 -17.51
N SER H 45 20.69 -1.91 -17.89
CA SER H 45 19.83 -2.11 -19.05
C SER H 45 20.40 -1.44 -20.30
N ASN H 46 21.11 -0.32 -20.13
CA ASN H 46 21.50 0.51 -21.26
C ASN H 46 22.82 1.20 -20.92
N SER H 47 23.87 0.88 -21.66
CA SER H 47 25.17 1.50 -21.49
C SER H 47 25.59 2.20 -22.80
N ASN H 48 24.58 2.65 -23.57
CA ASN H 48 24.79 3.36 -24.82
C ASN H 48 24.88 4.85 -24.55
N PRO H 49 26.07 5.50 -24.68
CA PRO H 49 26.19 6.92 -24.35
C PRO H 49 25.19 7.83 -25.05
N ARG H 50 24.78 7.47 -26.29
CA ARG H 50 23.86 8.29 -27.06
CA ARG H 50 23.91 8.40 -26.98
C ARG H 50 22.48 8.37 -26.42
N ASP H 51 22.15 7.42 -25.52
CA ASP H 51 20.83 7.36 -24.91
C ASP H 51 20.75 8.05 -23.54
N TRP H 52 21.89 8.61 -23.10
CA TRP H 52 21.97 9.28 -21.81
C TRP H 52 22.29 10.76 -21.96
N ILE H 53 21.67 11.54 -21.08
CA ILE H 53 21.94 12.97 -20.95
C ILE H 53 22.14 13.26 -19.47
N ALA H 54 23.13 14.10 -19.13
CA ALA H 54 23.27 14.55 -17.74
C ALA H 54 22.68 15.93 -17.61
N THR H 55 22.02 16.23 -16.47
CA THR H 55 21.57 17.58 -16.24
C THR H 55 22.03 18.09 -14.88
N SER H 56 22.23 19.42 -14.85
CA SER H 56 22.51 20.15 -13.61
CA SER H 56 22.52 20.16 -13.63
C SER H 56 21.36 21.10 -13.33
N GLY H 57 21.10 21.26 -12.03
CA GLY H 57 20.07 22.14 -11.52
C GLY H 57 19.18 21.34 -10.58
N ILE H 58 18.48 22.01 -9.69
CA ILE H 58 17.70 21.28 -8.69
C ILE H 58 16.45 20.66 -9.31
N SER H 59 16.03 21.09 -10.51
CA SER H 59 14.85 20.52 -11.16
C SER H 59 15.24 19.60 -12.31
N THR H 60 14.62 18.43 -12.39
CA THR H 60 14.80 17.56 -13.54
C THR H 60 13.81 17.92 -14.64
N THR H 61 12.79 18.73 -14.29
CA THR H 61 11.83 19.21 -15.26
C THR H 61 12.39 20.43 -15.99
N PHE H 62 13.01 21.34 -15.25
CA PHE H 62 13.60 22.56 -15.77
C PHE H 62 15.06 22.69 -15.35
N PRO H 63 15.92 21.87 -15.94
CA PRO H 63 17.34 21.92 -15.61
C PRO H 63 17.99 23.24 -16.04
N LYS H 64 19.11 23.57 -15.40
CA LYS H 64 19.91 24.72 -15.75
C LYS H 64 20.86 24.37 -16.89
N LEU H 65 21.30 23.12 -16.99
CA LEU H 65 22.22 22.72 -18.04
C LEU H 65 21.95 21.27 -18.40
N ARG H 66 21.98 21.01 -19.70
CA ARG H 66 21.94 19.64 -20.25
CA ARG H 66 21.91 19.62 -20.21
C ARG H 66 23.29 19.34 -20.88
N MET H 67 23.82 18.15 -20.65
CA MET H 67 25.13 17.75 -21.12
C MET H 67 25.07 16.40 -21.84
N ARG H 68 25.62 16.36 -23.06
CA ARG H 68 25.74 15.12 -23.79
C ARG H 68 26.85 14.26 -23.22
N VAL H 69 26.65 12.94 -23.34
CA VAL H 69 27.54 11.93 -22.82
C VAL H 69 28.31 11.27 -23.97
N ARG H 70 29.61 11.10 -23.77
CA ARG H 70 30.49 10.52 -24.76
C ARG H 70 30.76 9.05 -24.49
N ASN H 71 31.04 8.71 -23.23
CA ASN H 71 31.41 7.35 -22.87
C ASN H 71 30.83 7.00 -21.51
N ILE H 72 30.55 5.71 -21.35
CA ILE H 72 30.15 5.13 -20.07
C ILE H 72 31.12 4.01 -19.73
N LEU H 73 31.76 4.12 -18.57
CA LEU H 73 32.78 3.17 -18.14
C LEU H 73 32.29 2.49 -16.87
N ILE H 74 32.05 1.18 -16.94
CA ILE H 74 31.54 0.43 -15.81
C ILE H 74 32.67 -0.38 -15.22
N HIS H 75 32.71 -0.51 -13.89
CA HIS H 75 33.70 -1.34 -13.24
C HIS H 75 33.67 -2.74 -13.86
N ASN H 76 34.88 -3.23 -14.23
CA ASN H 76 34.97 -4.50 -14.95
CA ASN H 76 35.08 -4.51 -14.91
C ASN H 76 34.55 -5.67 -14.08
N ASN H 77 34.55 -5.50 -12.76
CA ASN H 77 34.21 -6.57 -11.85
CA ASN H 77 34.21 -6.56 -11.83
C ASN H 77 32.94 -6.23 -11.06
N TYR H 78 32.07 -5.39 -11.64
CA TYR H 78 30.77 -5.18 -11.03
C TYR H 78 30.01 -6.51 -10.98
N LYS H 79 29.51 -6.88 -9.79
CA LYS H 79 28.68 -8.07 -9.62
C LYS H 79 27.34 -7.65 -9.06
N SER H 80 26.31 -7.63 -9.91
CA SER H 80 25.02 -7.11 -9.49
C SER H 80 24.38 -7.96 -8.40
N ALA H 81 24.64 -9.27 -8.34
CA ALA H 81 23.98 -10.15 -7.39
C ALA H 81 24.32 -9.81 -5.93
N THR H 82 25.57 -9.39 -5.69
CA THR H 82 26.03 -9.04 -4.36
C THR H 82 26.26 -7.53 -4.23
N HIS H 83 26.01 -6.81 -5.32
CA HIS H 83 26.19 -5.35 -5.39
C HIS H 83 27.66 -4.97 -5.29
N GLU H 84 28.60 -5.88 -5.54
CA GLU H 84 30.00 -5.56 -5.33
CA GLU H 84 30.01 -5.60 -5.37
C GLU H 84 30.52 -4.73 -6.51
N ASN H 85 31.38 -3.75 -6.19
CA ASN H 85 32.03 -2.87 -7.15
C ASN H 85 31.02 -2.09 -7.96
N ASP H 86 30.02 -1.53 -7.24
CA ASP H 86 28.96 -0.78 -7.88
C ASP H 86 29.42 0.65 -8.15
N ILE H 87 30.18 0.82 -9.23
CA ILE H 87 30.78 2.10 -9.53
C ILE H 87 30.97 2.23 -11.04
N ALA H 88 30.79 3.43 -11.53
CA ALA H 88 30.85 3.72 -12.97
C ALA H 88 31.22 5.18 -13.15
N LEU H 89 31.77 5.46 -14.34
CA LEU H 89 32.12 6.80 -14.75
C LEU H 89 31.42 7.16 -16.04
N VAL H 90 30.94 8.40 -16.09
CA VAL H 90 30.39 8.98 -17.29
C VAL H 90 31.34 10.07 -17.77
N ARG H 91 31.77 9.98 -19.03
CA ARG H 91 32.59 11.01 -19.66
CA ARG H 91 32.59 11.01 -19.66
C ARG H 91 31.69 11.89 -20.52
N LEU H 92 31.72 13.20 -20.27
CA LEU H 92 30.91 14.13 -21.03
C LEU H 92 31.55 14.40 -22.39
N GLU H 93 30.72 14.80 -23.34
CA GLU H 93 31.18 15.17 -24.67
CA GLU H 93 31.18 15.18 -24.66
CA GLU H 93 31.27 15.19 -24.67
C GLU H 93 32.09 16.50 -24.63
N ASN H 94 31.60 17.40 -23.77
CA ASN H 94 32.22 18.71 -23.69
C ASN H 94 32.59 19.01 -22.24
N SER H 95 33.64 19.80 -22.03
CA SER H 95 34.00 20.26 -20.70
C SER H 95 32.92 21.23 -20.18
N VAL H 96 32.45 21.02 -18.94
CA VAL H 96 31.51 21.93 -18.31
C VAL H 96 32.27 23.16 -17.86
N THR H 97 31.68 24.33 -18.10
CA THR H 97 32.19 25.56 -17.53
C THR H 97 31.69 25.68 -16.09
N PHE H 98 32.61 25.60 -15.14
CA PHE H 98 32.24 25.61 -13.73
C PHE H 98 31.87 27.02 -13.26
N THR H 99 30.88 27.04 -12.37
CA THR H 99 30.35 28.23 -11.73
C THR H 99 30.17 27.93 -10.24
N LYS H 100 29.68 28.91 -9.48
CA LYS H 100 29.30 28.68 -8.09
CA LYS H 100 29.28 28.69 -8.10
C LYS H 100 28.32 27.51 -7.99
N ASP H 101 27.40 27.39 -8.95
CA ASP H 101 26.29 26.46 -8.84
C ASP H 101 26.56 25.13 -9.54
N ILE H 102 27.61 25.05 -10.35
CA ILE H 102 27.96 23.81 -11.05
C ILE H 102 29.48 23.64 -10.98
N HIS H 103 29.94 22.69 -10.17
CA HIS H 103 31.38 22.39 -10.12
C HIS H 103 31.58 21.07 -9.38
N SER H 104 32.81 20.65 -9.24
CA SER H 104 33.13 19.30 -8.81
C SER H 104 33.20 19.17 -7.28
N VAL H 105 32.94 17.96 -6.83
CA VAL H 105 33.19 17.50 -5.46
C VAL H 105 34.60 16.90 -5.43
N CYS H 106 35.26 16.92 -4.27
CA CYS H 106 36.58 16.30 -4.13
C CYS H 106 36.47 14.81 -3.90
N LEU H 107 37.45 14.08 -4.37
CA LEU H 107 37.64 12.69 -3.96
C LEU H 107 38.30 12.68 -2.58
N PRO H 108 37.96 11.69 -1.76
CA PRO H 108 38.63 11.51 -0.47
C PRO H 108 40.07 11.03 -0.69
N ALA H 109 40.93 11.33 0.27
CA ALA H 109 42.22 10.65 0.34
C ALA H 109 42.03 9.17 0.70
N ALA H 110 43.00 8.33 0.33
CA ALA H 110 42.94 6.90 0.59
C ALA H 110 42.69 6.63 2.07
N THR H 111 43.30 7.44 2.93
CA THR H 111 43.23 7.26 4.37
C THR H 111 42.27 8.28 5.01
N GLN H 112 41.41 8.94 4.22
CA GLN H 112 40.47 9.92 4.76
C GLN H 112 39.78 9.36 6.01
N ASN H 113 39.75 10.17 7.06
CA ASN H 113 39.05 9.84 8.29
C ASN H 113 37.55 10.07 8.08
N ILE H 114 36.80 8.96 8.06
CA ILE H 114 35.35 8.98 7.88
C ILE H 114 34.74 8.14 8.99
N PRO H 115 34.68 8.70 10.22
CA PRO H 115 34.45 7.86 11.37
C PRO H 115 33.00 7.50 11.56
N PRO H 116 32.72 6.34 12.17
CA PRO H 116 31.37 5.98 12.58
C PRO H 116 30.78 7.10 13.42
N GLY H 117 29.51 7.41 13.14
CA GLY H 117 28.78 8.42 13.85
C GLY H 117 28.87 9.81 13.22
N SER H 118 29.78 9.99 12.25
CA SER H 118 29.98 11.31 11.67
C SER H 118 28.85 11.62 10.69
N THR H 119 28.53 12.92 10.57
CA THR H 119 27.43 13.36 9.72
C THR H 119 27.88 13.37 8.27
N ALA H 120 26.92 12.97 7.42
CA ALA H 120 27.06 13.02 5.99
C ALA H 120 25.71 13.36 5.36
N TYR H 121 25.73 13.70 4.06
CA TYR H 121 24.55 14.14 3.35
C TYR H 121 24.41 13.31 2.09
N VAL H 122 23.19 12.83 1.86
CA VAL H 122 22.84 12.11 0.65
C VAL H 122 21.80 12.92 -0.11
N THR H 123 21.97 12.99 -1.44
CA THR H 123 21.16 13.87 -2.26
C THR H 123 20.65 13.12 -3.49
N GLY H 124 19.44 13.47 -3.91
CA GLY H 124 18.89 12.89 -5.12
C GLY H 124 17.42 13.18 -5.34
N TRP H 125 16.98 12.69 -6.49
CA TRP H 125 15.60 12.83 -6.96
C TRP H 125 14.84 11.54 -6.83
N GLY H 126 15.37 10.62 -6.01
CA GLY H 126 14.68 9.36 -5.75
C GLY H 126 13.37 9.52 -4.98
N ALA H 127 12.68 8.38 -4.85
CA ALA H 127 11.39 8.32 -4.19
C ALA H 127 11.48 8.67 -2.71
N GLN H 128 10.29 8.98 -2.17
CA GLN H 128 10.14 9.29 -0.75
C GLN H 128 9.64 8.09 0.03
N GLU H 129 9.43 6.96 -0.66
CA GLU H 129 9.06 5.69 -0.06
C GLU H 129 9.51 4.58 -0.98
N TYR H 130 9.71 3.39 -0.41
CA TYR H 130 10.27 2.28 -1.15
C TYR H 130 9.56 2.05 -2.48
N ALA H 131 10.36 2.05 -3.56
CA ALA H 131 9.90 1.73 -4.91
C ALA H 131 8.85 2.71 -5.42
N GLY H 132 8.79 3.92 -4.83
CA GLY H 132 7.85 4.94 -5.24
C GLY H 132 8.33 5.77 -6.41
N HIS H 133 7.59 6.83 -6.71
CA HIS H 133 7.89 7.66 -7.86
C HIS H 133 9.08 8.57 -7.53
N THR H 134 9.87 8.84 -8.54
CA THR H 134 10.90 9.87 -8.44
C THR H 134 10.22 11.23 -8.33
N VAL H 135 10.99 12.21 -7.87
CA VAL H 135 10.50 13.56 -7.63
C VAL H 135 11.25 14.53 -8.54
N PRO H 136 10.62 15.64 -8.96
CA PRO H 136 11.26 16.58 -9.87
C PRO H 136 12.26 17.53 -9.23
N GLU H 137 12.17 17.73 -7.91
CA GLU H 137 13.06 18.67 -7.23
C GLU H 137 13.98 17.96 -6.25
N LEU H 138 15.26 18.34 -6.32
CA LEU H 138 16.30 17.67 -5.58
C LEU H 138 16.03 17.72 -4.09
N ARG H 139 16.29 16.58 -3.43
CA ARG H 139 16.20 16.53 -1.98
C ARG H 139 17.56 16.15 -1.38
N GLN H 140 17.65 16.42 -0.07
CA GLN H 140 18.80 16.09 0.73
C GLN H 140 18.37 15.48 2.05
N GLY H 141 19.18 14.53 2.50
CA GLY H 141 19.00 13.89 3.79
C GLY H 141 20.31 13.92 4.56
N GLN H 142 20.17 14.23 5.85
CA GLN H 142 21.32 14.25 6.74
CA GLN H 142 21.28 14.27 6.78
C GLN H 142 21.34 12.96 7.56
N VAL H 143 22.42 12.21 7.36
CA VAL H 143 22.57 10.87 7.92
C VAL H 143 23.90 10.77 8.63
N ARG H 144 24.18 9.60 9.23
CA ARG H 144 25.44 9.37 9.92
CA ARG H 144 25.44 9.38 9.92
C ARG H 144 26.08 8.08 9.44
N ILE H 145 27.43 8.09 9.40
CA ILE H 145 28.16 6.90 9.02
C ILE H 145 27.95 5.83 10.08
N ILE H 146 27.76 4.57 9.62
CA ILE H 146 27.64 3.40 10.49
C ILE H 146 28.74 2.44 10.10
N SER H 147 29.46 1.89 11.07
CA SER H 147 30.55 0.95 10.82
CA SER H 147 30.56 0.96 10.80
C SER H 147 30.06 -0.30 10.10
N ASN H 148 30.89 -0.82 9.20
CA ASN H 148 30.54 -2.03 8.47
C ASN H 148 30.18 -3.16 9.43
N ASP H 149 30.91 -3.31 10.54
CA ASP H 149 30.63 -4.45 11.41
CA ASP H 149 30.66 -4.41 11.47
C ASP H 149 29.23 -4.33 12.02
N VAL H 150 28.83 -3.14 12.42
CA VAL H 150 27.51 -2.92 12.97
C VAL H 150 26.44 -3.10 11.91
N CYS H 151 26.73 -2.59 10.70
CA CYS H 151 25.85 -2.71 9.56
C CYS H 151 25.61 -4.18 9.19
N ASN H 152 26.61 -5.02 9.45
CA ASN H 152 26.56 -6.45 9.18
C ASN H 152 25.91 -7.28 10.29
N ALA H 153 25.36 -6.65 11.33
CA ALA H 153 24.69 -7.42 12.37
C ALA H 153 23.60 -8.28 11.75
N PRO H 154 23.27 -9.44 12.35
CA PRO H 154 22.24 -10.31 11.77
C PRO H 154 20.88 -9.68 11.54
N HIS H 155 20.49 -8.75 12.41
CA HIS H 155 19.21 -8.05 12.27
C HIS H 155 19.30 -6.89 11.27
N SER H 156 20.50 -6.63 10.78
CA SER H 156 20.72 -5.64 9.73
C SER H 156 21.08 -6.40 8.45
N TYR H 157 22.30 -6.25 7.92
CA TYR H 157 22.60 -6.87 6.64
C TYR H 157 23.37 -8.20 6.71
N ASN H 158 23.63 -8.65 7.94
CA ASN H 158 23.93 -10.07 8.17
C ASN H 158 25.09 -10.56 7.30
N GLY H 159 26.18 -9.80 7.17
CA GLY H 159 27.38 -10.23 6.48
C GLY H 159 27.48 -9.79 5.03
N ALA H 160 26.43 -9.16 4.48
CA ALA H 160 26.41 -8.78 3.08
C ALA H 160 27.11 -7.46 2.80
N ILE H 161 27.55 -6.75 3.86
CA ILE H 161 28.31 -5.52 3.65
C ILE H 161 29.79 -5.87 3.51
N LEU H 162 30.32 -5.63 2.32
CA LEU H 162 31.70 -5.99 1.99
C LEU H 162 32.63 -4.77 2.13
N SER H 163 33.93 -5.00 1.99
CA SER H 163 34.91 -3.97 2.35
C SER H 163 34.82 -2.71 1.48
N GLY H 164 34.32 -2.85 0.26
CA GLY H 164 34.18 -1.72 -0.67
C GLY H 164 32.84 -1.00 -0.53
N MET H 165 32.12 -1.30 0.56
CA MET H 165 30.84 -0.70 0.86
C MET H 165 30.91 0.04 2.18
N LEU H 166 29.94 0.95 2.36
CA LEU H 166 29.82 1.78 3.54
C LEU H 166 28.31 1.92 3.84
N CYS H 167 27.95 2.00 5.12
CA CYS H 167 26.57 2.22 5.48
C CYS H 167 26.37 3.59 6.14
N ALA H 168 25.19 4.14 5.91
CA ALA H 168 24.82 5.39 6.54
C ALA H 168 23.31 5.44 6.72
N GLY H 169 22.92 6.05 7.85
CA GLY H 169 21.51 6.29 8.14
C GLY H 169 21.40 6.95 9.50
N VAL H 170 20.20 6.87 10.07
CA VAL H 170 19.97 7.49 11.37
C VAL H 170 19.40 6.43 12.30
N PRO H 171 19.69 6.54 13.62
CA PRO H 171 19.31 5.48 14.58
C PRO H 171 17.82 5.12 14.52
N GLN H 172 16.98 6.13 14.39
CA GLN H 172 15.53 5.92 14.44
C GLN H 172 14.97 5.50 13.07
N GLY H 173 15.85 5.36 12.05
CA GLY H 173 15.43 5.25 10.68
C GLY H 173 14.70 6.52 10.23
N GLY H 174 14.14 6.43 9.02
CA GLY H 174 13.31 7.47 8.48
C GLY H 174 14.06 8.53 7.67
N VAL H 175 15.38 8.39 7.50
CA VAL H 175 16.12 9.26 6.58
C VAL H 175 17.03 8.35 5.78
N ASP H 176 16.87 8.32 4.46
CA ASP H 176 17.61 7.36 3.67
C ASP H 176 17.53 7.70 2.20
N ALA H 177 18.43 7.09 1.41
CA ALA H 177 18.30 7.06 -0.03
C ALA H 177 17.19 6.07 -0.38
N CYS H 178 16.66 6.20 -1.60
CA CYS H 178 15.60 5.32 -2.04
C CYS H 178 15.69 5.17 -3.57
N GLN H 179 14.74 4.43 -4.17
CA GLN H 179 14.89 4.14 -5.60
C GLN H 179 14.86 5.45 -6.39
N GLY H 180 15.81 5.53 -7.34
CA GLY H 180 16.00 6.72 -8.11
C GLY H 180 17.17 7.55 -7.61
N ASP H 181 17.70 7.21 -6.42
CA ASP H 181 18.85 7.90 -5.85
C ASP H 181 20.17 7.21 -6.22
N SER H 182 20.12 5.96 -6.70
CA SER H 182 21.31 5.21 -7.10
C SER H 182 22.25 6.10 -7.90
N GLY H 183 23.55 6.01 -7.59
CA GLY H 183 24.57 6.73 -8.31
C GLY H 183 24.91 8.09 -7.72
N GLY H 184 23.98 8.67 -6.95
CA GLY H 184 24.21 9.96 -6.35
C GLY H 184 25.15 9.87 -5.17
N PRO H 185 25.57 11.03 -4.64
CA PRO H 185 26.63 11.08 -3.64
C PRO H 185 26.10 10.97 -2.20
N LEU H 186 27.02 10.48 -1.40
CA LEU H 186 27.05 10.68 0.03
C LEU H 186 28.31 11.49 0.30
N VAL H 187 28.13 12.70 0.85
CA VAL H 187 29.23 13.64 0.96
C VAL H 187 29.43 14.04 2.42
N GLN H 188 30.64 14.47 2.70
CA GLN H 188 30.95 15.12 3.96
C GLN H 188 31.77 16.38 3.67
N GLU H 189 31.82 17.28 4.65
CA GLU H 189 32.77 18.38 4.56
C GLU H 189 33.77 18.20 5.69
N ASP H 190 35.01 18.60 5.41
CA ASP H 190 36.03 18.59 6.43
C ASP H 190 35.96 19.90 7.22
N SER H 191 36.88 20.01 8.19
CA SER H 191 36.86 21.15 9.09
C SER H 191 37.21 22.45 8.38
N ARG H 192 37.74 22.38 7.14
CA ARG H 192 38.05 23.56 6.35
C ARG H 192 36.97 23.82 5.30
N ARG H 193 35.85 23.09 5.40
CA ARG H 193 34.68 23.26 4.53
CA ARG H 193 34.69 23.27 4.53
C ARG H 193 34.99 22.80 3.11
N LEU H 194 35.89 21.84 2.96
CA LEU H 194 36.11 21.16 1.69
C LEU H 194 35.19 19.95 1.65
N TRP H 195 34.40 19.86 0.57
CA TRP H 195 33.43 18.79 0.41
C TRP H 195 33.99 17.65 -0.41
N PHE H 196 33.80 16.44 0.12
CA PHE H 196 34.33 15.23 -0.49
C PHE H 196 33.22 14.19 -0.54
N ILE H 197 33.30 13.37 -1.59
CA ILE H 197 32.37 12.26 -1.76
C ILE H 197 32.93 11.02 -1.07
N VAL H 198 32.20 10.46 -0.11
CA VAL H 198 32.61 9.30 0.64
C VAL H 198 31.88 8.05 0.14
N GLY H 199 30.70 8.24 -0.44
CA GLY H 199 29.89 7.11 -0.85
C GLY H 199 29.11 7.40 -2.12
N ILE H 200 28.72 6.32 -2.81
CA ILE H 200 27.81 6.38 -3.94
C ILE H 200 26.58 5.55 -3.59
N VAL H 201 25.38 6.15 -3.73
CA VAL H 201 24.16 5.45 -3.39
C VAL H 201 24.13 4.13 -4.16
N SER H 202 23.85 3.03 -3.48
CA SER H 202 23.94 1.71 -4.11
C SER H 202 22.68 0.86 -3.84
N TRP H 203 22.43 0.44 -2.58
CA TRP H 203 21.36 -0.50 -2.32
C TRP H 203 20.96 -0.43 -0.86
N GLY H 204 19.85 -1.09 -0.56
CA GLY H 204 19.42 -1.29 0.80
C GLY H 204 18.16 -2.13 0.85
N ASP H 205 17.78 -2.55 2.05
CA ASP H 205 16.54 -3.30 2.23
C ASP H 205 15.42 -2.30 2.44
N GLN H 206 14.60 -2.11 1.40
CA GLN H 206 13.61 -1.05 1.37
C GLN H 206 14.33 0.26 1.64
N CYS H 207 13.64 1.21 2.27
CA CYS H 207 14.19 2.53 2.51
C CYS H 207 13.74 3.00 3.90
N GLY H 208 14.69 3.54 4.66
CA GLY H 208 14.42 4.21 5.91
C GLY H 208 14.09 3.27 7.08
N LEU H 209 14.25 1.95 6.92
CA LEU H 209 13.97 1.05 8.05
C LEU H 209 15.07 1.20 9.10
N PRO H 210 14.75 1.27 10.40
CA PRO H 210 15.79 1.61 11.39
C PRO H 210 16.98 0.65 11.41
N ASP H 211 16.72 -0.64 11.21
CA ASP H 211 17.80 -1.61 11.25
C ASP H 211 18.46 -1.80 9.89
N LYS H 212 18.02 -1.04 8.87
CA LYS H 212 18.47 -1.31 7.51
C LYS H 212 18.90 0.02 6.91
N PRO H 213 20.06 0.55 7.33
CA PRO H 213 20.59 1.76 6.72
C PRO H 213 20.86 1.56 5.25
N GLY H 214 21.02 2.67 4.57
CA GLY H 214 21.44 2.66 3.17
C GLY H 214 22.88 2.17 3.04
N VAL H 215 23.12 1.43 1.95
CA VAL H 215 24.42 0.93 1.60
C VAL H 215 24.93 1.67 0.37
N TYR H 216 26.20 2.03 0.47
CA TYR H 216 26.86 2.88 -0.50
C TYR H 216 28.17 2.23 -0.94
N THR H 217 28.58 2.48 -2.17
CA THR H 217 29.95 2.20 -2.58
C THR H 217 30.91 3.11 -1.83
N ARG H 218 31.96 2.53 -1.22
CA ARG H 218 32.94 3.26 -0.45
C ARG H 218 33.98 3.83 -1.40
N VAL H 219 33.98 5.16 -1.58
CA VAL H 219 34.76 5.74 -2.67
C VAL H 219 36.26 5.52 -2.41
N THR H 220 36.70 5.58 -1.15
CA THR H 220 38.13 5.39 -0.88
C THR H 220 38.63 4.08 -1.46
N ALA H 221 37.78 3.05 -1.52
CA ALA H 221 38.19 1.73 -1.98
C ALA H 221 38.42 1.68 -3.49
N TYR H 222 38.07 2.73 -4.24
CA TYR H 222 38.08 2.73 -5.69
C TYR H 222 38.92 3.85 -6.28
N LEU H 223 39.78 4.47 -5.45
CA LEU H 223 40.56 5.59 -5.94
C LEU H 223 41.52 5.15 -7.05
N ASP H 224 42.12 3.97 -6.91
CA ASP H 224 43.02 3.49 -7.97
C ASP H 224 42.26 3.30 -9.29
N TRP H 225 41.06 2.71 -9.22
CA TRP H 225 40.25 2.52 -10.40
C TRP H 225 39.89 3.86 -11.05
N ILE H 226 39.47 4.82 -10.21
CA ILE H 226 39.10 6.12 -10.73
C ILE H 226 40.30 6.79 -11.43
N ARG H 227 41.47 6.73 -10.79
CA ARG H 227 42.69 7.30 -11.37
C ARG H 227 43.05 6.60 -12.68
N GLN H 228 42.95 5.28 -12.73
CA GLN H 228 43.25 4.49 -13.92
C GLN H 228 42.35 4.92 -15.07
N GLN H 229 41.05 5.11 -14.80
CA GLN H 229 40.14 5.43 -15.85
C GLN H 229 40.22 6.88 -16.29
N THR H 230 40.54 7.83 -15.41
CA THR H 230 40.35 9.25 -15.69
C THR H 230 41.63 10.09 -15.58
N GLY H 231 42.55 9.69 -14.72
CA GLY H 231 43.73 10.54 -14.42
C GLY H 231 43.49 11.47 -13.24
N ILE H 232 42.31 11.44 -12.64
CA ILE H 232 41.93 12.33 -11.50
C ILE H 232 42.39 11.77 -10.15
N GLU H 233 42.82 12.65 -9.24
CA GLU H 233 43.17 12.27 -7.85
C GLU H 233 42.85 13.48 -6.96
#